data_5WSZ
#
_entry.id   5WSZ
#
_cell.length_a   73.021
_cell.length_b   73.446
_cell.length_c   113.583
_cell.angle_alpha   90.00
_cell.angle_beta   90.00
_cell.angle_gamma   90.00
#
_symmetry.space_group_name_H-M   'P 21 21 21'
#
loop_
_entity.id
_entity.type
_entity.pdbx_description
1 polymer LpmO10A
2 non-polymer 'COPPER (II) ION'
3 water water
#
_entity_poly.entity_id   1
_entity_poly.type   'polypeptide(L)'
_entity_poly.pdbx_seq_one_letter_code
;HGYVESPASRSYLCKQGVNVNCGPIQYEPQSVEGIGGFPQLGPSDGQIAGAGHFPALDVQTVDRWKKVTLNGGTNTFKWK
LTAPHSTKEWKYYITKKGWNPNKPLTRSDLDLVPFYVKNDGGARPGTTVTHEANVPTDRSGYHLILAVWEIADTGNAFYQ
VIDVNLLNN
;
_entity_poly.pdbx_strand_id   A,B,C,D
#
loop_
_chem_comp.id
_chem_comp.type
_chem_comp.name
_chem_comp.formula
CU non-polymer 'COPPER (II) ION' 'Cu 2'
#
# COMPACT_ATOMS: atom_id res chain seq x y z
N HIS A 1 17.27 0.79 4.05
CA HIS A 1 16.50 1.91 4.57
C HIS A 1 17.37 2.89 5.33
N GLY A 2 17.01 4.17 5.26
CA GLY A 2 17.77 5.21 5.93
C GLY A 2 17.26 6.60 5.66
N TYR A 3 17.75 7.56 6.42
CA TYR A 3 17.37 8.96 6.26
C TYR A 3 18.55 9.88 6.56
N VAL A 4 18.46 11.12 6.12
CA VAL A 4 19.50 12.09 6.41
C VAL A 4 19.29 12.70 7.79
N GLU A 5 20.13 12.30 8.74
CA GLU A 5 20.04 12.77 10.11
C GLU A 5 20.41 14.25 10.22
N SER A 6 21.43 14.65 9.48
CA SER A 6 21.96 16.00 9.56
C SER A 6 22.57 16.41 8.22
N PRO A 7 22.06 17.49 7.61
CA PRO A 7 20.95 18.34 8.09
C PRO A 7 19.60 17.61 8.06
N ALA A 8 18.76 17.90 9.04
CA ALA A 8 17.52 17.13 9.24
C ALA A 8 16.61 17.18 8.02
N SER A 9 16.37 16.01 7.44
CA SER A 9 15.54 15.89 6.27
C SER A 9 14.08 16.13 6.61
N ARG A 10 13.27 16.37 5.58
CA ARG A 10 11.85 16.65 5.75
C ARG A 10 11.14 15.52 6.51
N SER A 11 11.45 14.28 6.16
CA SER A 11 10.83 13.12 6.80
C SER A 11 11.33 12.96 8.23
N TYR A 12 12.58 13.33 8.47
CA TYR A 12 13.16 13.25 9.81
C TYR A 12 12.47 14.22 10.77
N LEU A 13 12.22 15.44 10.29
CA LEU A 13 11.56 16.45 11.10
C LEU A 13 10.09 16.10 11.34
N CYS A 14 9.50 15.35 10.41
CA CYS A 14 8.17 14.80 10.60
C CYS A 14 8.17 13.87 11.80
N LYS A 15 9.19 13.03 11.88
CA LYS A 15 9.36 12.08 12.98
C LYS A 15 9.55 12.79 14.31
N GLN A 16 10.30 13.91 14.27
CA GLN A 16 10.56 14.68 15.48
C GLN A 16 9.40 15.59 15.85
N GLY A 17 8.34 15.57 15.06
CA GLY A 17 7.17 16.38 15.35
C GLY A 17 7.37 17.85 15.03
N VAL A 18 8.43 18.15 14.29
CA VAL A 18 8.72 19.53 13.90
C VAL A 18 7.82 19.91 12.72
N ASN A 19 7.76 19.02 11.73
CA ASN A 19 6.76 19.11 10.68
C ASN A 19 5.46 18.45 11.11
N VAL A 20 4.35 18.85 10.50
CA VAL A 20 3.05 18.29 10.85
C VAL A 20 2.29 17.79 9.61
N ASN A 21 1.35 16.89 9.84
CA ASN A 21 0.50 16.32 8.79
C ASN A 21 1.31 15.59 7.71
N CYS A 22 2.25 14.75 8.13
CA CYS A 22 3.12 14.05 7.19
C CYS A 22 2.63 12.64 6.82
N GLY A 23 1.52 12.20 7.40
CA GLY A 23 1.07 10.84 7.17
C GLY A 23 1.91 9.82 7.92
N PRO A 24 1.89 8.55 7.48
CA PRO A 24 2.56 7.40 8.10
C PRO A 24 4.07 7.57 8.16
N ILE A 25 4.64 8.25 7.16
CA ILE A 25 6.09 8.43 7.07
C ILE A 25 6.66 9.06 8.34
N GLN A 26 5.81 9.70 9.14
CA GLN A 26 6.23 10.28 10.41
C GLN A 26 6.75 9.19 11.34
N TYR A 27 6.34 7.94 11.12
CA TYR A 27 6.80 6.84 11.97
C TYR A 27 7.90 6.02 11.30
N GLU A 28 8.28 6.38 10.08
CA GLU A 28 9.37 5.69 9.41
C GLU A 28 10.12 6.58 8.41
N PRO A 29 10.87 7.58 8.92
CA PRO A 29 11.61 8.49 8.03
C PRO A 29 12.63 7.75 7.16
N GLN A 30 13.06 6.59 7.62
CA GLN A 30 14.02 5.76 6.91
C GLN A 30 13.48 5.12 5.63
N SER A 31 12.17 5.21 5.41
CA SER A 31 11.52 4.38 4.39
C SER A 31 11.03 5.10 3.14
N VAL A 32 11.67 6.20 2.75
CA VAL A 32 11.26 6.89 1.52
C VAL A 32 11.93 6.24 0.30
N GLU A 33 11.42 5.07 -0.08
CA GLU A 33 12.02 4.30 -1.16
C GLU A 33 11.19 4.34 -2.43
N GLY A 34 11.85 4.54 -3.56
CA GLY A 34 11.20 4.50 -4.86
C GLY A 34 12.14 3.94 -5.89
N ILE A 35 11.68 3.88 -7.14
CA ILE A 35 12.52 3.43 -8.25
C ILE A 35 13.80 4.29 -8.34
N GLY A 36 14.92 3.63 -8.62
CA GLY A 36 16.19 4.31 -8.71
C GLY A 36 16.54 4.76 -10.12
N GLY A 37 17.81 5.06 -10.33
CA GLY A 37 18.28 5.54 -11.62
C GLY A 37 17.90 6.98 -11.86
N PHE A 38 17.83 7.75 -10.78
CA PHE A 38 17.50 9.17 -10.86
C PHE A 38 18.71 9.90 -11.43
N PRO A 39 18.48 10.92 -12.28
CA PRO A 39 17.20 11.50 -12.69
C PRO A 39 16.62 10.89 -13.97
N GLN A 40 17.36 9.97 -14.59
CA GLN A 40 16.93 9.38 -15.84
C GLN A 40 15.66 8.56 -15.63
N LEU A 41 15.69 7.71 -14.60
CA LEU A 41 14.51 7.00 -14.14
C LEU A 41 14.06 7.55 -12.79
N GLY A 42 13.29 6.75 -12.06
CA GLY A 42 12.85 7.13 -10.72
C GLY A 42 11.40 7.57 -10.66
N PRO A 43 10.99 8.12 -9.50
CA PRO A 43 9.62 8.60 -9.28
C PRO A 43 9.26 9.71 -10.26
N SER A 44 7.98 9.76 -10.65
CA SER A 44 7.53 10.77 -11.61
C SER A 44 7.67 12.17 -11.05
N ASP A 45 7.71 13.16 -11.93
CA ASP A 45 7.72 14.56 -11.53
C ASP A 45 6.54 14.87 -10.59
N GLY A 46 6.80 15.66 -9.56
CA GLY A 46 5.77 15.98 -8.59
C GLY A 46 5.62 14.87 -7.57
N GLN A 47 6.45 13.84 -7.68
CA GLN A 47 6.38 12.69 -6.79
C GLN A 47 7.78 12.31 -6.31
N ILE A 48 8.71 13.24 -6.42
CA ILE A 48 10.11 12.99 -6.05
C ILE A 48 10.28 12.94 -4.54
N ALA A 49 9.61 13.86 -3.83
CA ALA A 49 9.77 13.97 -2.39
C ALA A 49 9.27 12.72 -1.67
N GLY A 50 8.22 12.10 -2.21
CA GLY A 50 7.70 10.89 -1.62
C GLY A 50 8.17 9.62 -2.31
N ALA A 51 8.83 9.78 -3.44
CA ALA A 51 9.39 8.67 -4.20
C ALA A 51 8.32 7.68 -4.71
N GLY A 52 7.14 8.20 -5.02
CA GLY A 52 6.07 7.38 -5.56
C GLY A 52 5.14 6.84 -4.48
N HIS A 53 5.62 6.84 -3.25
CA HIS A 53 4.81 6.53 -2.09
C HIS A 53 4.75 7.78 -1.22
N PHE A 54 4.03 7.70 -0.10
CA PHE A 54 3.91 8.83 0.83
C PHE A 54 3.67 10.19 0.16
N PRO A 55 2.53 10.34 -0.54
CA PRO A 55 2.20 11.59 -1.25
C PRO A 55 2.19 12.87 -0.41
N ALA A 56 2.06 12.76 0.91
CA ALA A 56 1.94 13.94 1.76
C ALA A 56 3.20 14.81 1.69
N LEU A 57 4.35 14.17 1.49
CA LEU A 57 5.63 14.85 1.37
C LEU A 57 5.76 15.67 0.08
N ASP A 58 4.92 15.38 -0.90
CA ASP A 58 5.04 16.00 -2.22
C ASP A 58 4.37 17.38 -2.29
N VAL A 59 3.63 17.72 -1.25
CA VAL A 59 3.01 19.04 -1.15
C VAL A 59 4.11 20.11 -1.04
N GLN A 60 3.99 21.18 -1.82
CA GLN A 60 5.06 22.17 -1.84
C GLN A 60 4.53 23.61 -1.87
N THR A 61 4.74 24.32 -0.77
CA THR A 61 4.51 25.76 -0.69
C THR A 61 5.65 26.40 0.10
N VAL A 62 5.61 27.72 0.21
CA VAL A 62 6.67 28.45 0.90
C VAL A 62 6.64 28.23 2.42
N ASP A 63 5.45 28.01 2.97
CA ASP A 63 5.31 27.88 4.42
C ASP A 63 4.94 26.48 4.90
N ARG A 64 4.80 25.54 3.97
CA ARG A 64 4.39 24.18 4.32
C ARG A 64 5.37 23.46 5.26
N TRP A 65 6.66 23.64 5.04
CA TRP A 65 7.66 22.89 5.80
C TRP A 65 8.57 23.79 6.62
N LYS A 66 9.11 23.23 7.70
CA LYS A 66 10.07 23.95 8.53
C LYS A 66 11.47 23.82 7.93
N LYS A 67 12.21 24.92 7.91
CA LYS A 67 13.48 24.95 7.20
C LYS A 67 14.68 24.76 8.12
N VAL A 68 15.68 24.05 7.62
CA VAL A 68 16.97 23.93 8.28
C VAL A 68 17.91 24.99 7.74
N THR A 69 18.61 25.69 8.63
CA THR A 69 19.48 26.78 8.20
C THR A 69 20.88 26.29 7.91
N LEU A 70 21.38 26.59 6.71
CA LEU A 70 22.68 26.12 6.27
C LEU A 70 23.48 27.23 5.63
N ASN A 71 24.79 27.19 5.79
CA ASN A 71 25.69 28.03 5.02
C ASN A 71 26.06 27.36 3.72
N GLY A 72 26.30 28.15 2.68
CA GLY A 72 26.86 27.61 1.46
C GLY A 72 28.29 27.20 1.73
N GLY A 73 28.88 26.42 0.83
CA GLY A 73 30.25 25.98 1.04
C GLY A 73 30.25 24.61 1.68
N THR A 74 31.35 24.30 2.38
CA THR A 74 31.51 22.97 2.97
C THR A 74 30.48 22.68 4.04
N ASN A 75 29.81 21.53 3.90
CA ASN A 75 28.82 21.08 4.86
C ASN A 75 28.99 19.58 5.10
N THR A 76 28.71 19.14 6.32
CA THR A 76 28.77 17.71 6.63
C THR A 76 27.37 17.11 6.50
N PHE A 77 27.27 16.04 5.73
CA PHE A 77 25.99 15.36 5.53
C PHE A 77 26.03 13.98 6.17
N LYS A 78 25.19 13.78 7.18
CA LYS A 78 25.20 12.54 7.94
C LYS A 78 23.90 11.77 7.76
N TRP A 79 24.01 10.59 7.18
CA TRP A 79 22.87 9.68 7.07
C TRP A 79 22.73 8.80 8.31
N LYS A 80 21.52 8.33 8.55
CA LYS A 80 21.29 7.21 9.44
C LYS A 80 20.59 6.10 8.71
N LEU A 81 21.23 4.93 8.70
CA LEU A 81 20.73 3.78 7.96
C LEU A 81 20.19 2.74 8.93
N THR A 82 18.90 2.46 8.85
CA THR A 82 18.31 1.46 9.72
C THR A 82 18.54 0.08 9.14
N ALA A 83 18.80 0.03 7.83
CA ALA A 83 19.26 -1.19 7.19
C ALA A 83 20.27 -0.83 6.09
N PRO A 84 21.53 -1.23 6.28
CA PRO A 84 22.59 -1.04 5.29
C PRO A 84 22.41 -1.91 4.06
N HIS A 85 22.61 -1.33 2.88
CA HIS A 85 22.46 -2.07 1.63
C HIS A 85 23.68 -1.87 0.75
N SER A 86 23.93 -2.82 -0.15
CA SER A 86 24.98 -2.64 -1.15
C SER A 86 24.69 -1.33 -1.88
N THR A 87 25.68 -0.46 -1.96
CA THR A 87 25.43 0.90 -2.42
C THR A 87 26.09 1.23 -3.75
N LYS A 88 25.28 1.67 -4.71
CA LYS A 88 25.82 2.17 -5.97
C LYS A 88 26.51 3.51 -5.74
N GLU A 89 25.74 4.52 -5.36
CA GLU A 89 26.28 5.86 -5.16
C GLU A 89 25.43 6.72 -4.25
N TRP A 90 26.03 7.80 -3.76
CA TRP A 90 25.32 8.82 -3.00
C TRP A 90 25.33 10.12 -3.79
N LYS A 91 24.16 10.75 -3.94
CA LYS A 91 24.08 11.98 -4.70
C LYS A 91 23.34 13.07 -3.95
N TYR A 92 23.74 14.31 -4.17
CA TYR A 92 23.08 15.46 -3.55
C TYR A 92 22.77 16.53 -4.58
N TYR A 93 21.49 16.82 -4.76
CA TYR A 93 21.05 17.82 -5.72
C TYR A 93 20.52 19.05 -5.00
N ILE A 94 20.46 20.17 -5.71
CA ILE A 94 19.86 21.38 -5.16
C ILE A 94 18.97 22.03 -6.21
N THR A 95 17.92 22.70 -5.75
CA THR A 95 17.02 23.44 -6.63
C THR A 95 17.74 24.55 -7.38
N LYS A 96 17.25 24.87 -8.57
CA LYS A 96 17.81 25.95 -9.38
C LYS A 96 17.63 27.30 -8.67
N LYS A 97 18.39 28.30 -9.10
CA LYS A 97 18.38 29.60 -8.43
C LYS A 97 17.00 30.27 -8.39
N GLY A 98 16.24 30.16 -9.46
CA GLY A 98 14.94 30.79 -9.52
C GLY A 98 13.78 29.81 -9.52
N TRP A 99 13.90 28.77 -8.70
CA TRP A 99 12.90 27.70 -8.69
C TRP A 99 11.61 28.18 -8.05
N ASN A 100 10.53 27.47 -8.33
CA ASN A 100 9.20 27.85 -7.86
C ASN A 100 8.82 27.05 -6.61
N PRO A 101 8.93 27.67 -5.43
CA PRO A 101 8.71 26.98 -4.16
C PRO A 101 7.23 26.75 -3.87
N ASN A 102 6.36 27.27 -4.74
CA ASN A 102 4.92 27.12 -4.58
C ASN A 102 4.38 26.10 -5.59
N LYS A 103 5.26 25.24 -6.06
CA LYS A 103 4.93 24.26 -7.09
C LYS A 103 5.61 22.94 -6.75
N PRO A 104 4.95 21.80 -7.03
CA PRO A 104 5.51 20.49 -6.72
C PRO A 104 6.86 20.25 -7.40
N LEU A 105 7.74 19.52 -6.74
CA LEU A 105 9.11 19.36 -7.21
C LEU A 105 9.19 18.53 -8.49
N THR A 106 9.85 19.08 -9.50
CA THR A 106 10.05 18.41 -10.77
C THR A 106 11.53 18.41 -11.11
N ARG A 107 11.97 17.46 -11.93
CA ARG A 107 13.36 17.40 -12.38
C ARG A 107 13.84 18.73 -12.99
N SER A 108 12.94 19.42 -13.68
CA SER A 108 13.24 20.70 -14.29
C SER A 108 13.60 21.77 -13.26
N ASP A 109 13.18 21.56 -12.02
CA ASP A 109 13.43 22.50 -10.93
C ASP A 109 14.78 22.26 -10.27
N LEU A 110 15.46 21.20 -10.68
CA LEU A 110 16.73 20.82 -10.08
C LEU A 110 17.93 21.04 -11.00
N ASP A 111 19.06 21.44 -10.42
CA ASP A 111 20.35 21.29 -11.09
C ASP A 111 20.67 19.80 -11.14
N LEU A 112 20.38 19.19 -12.28
CA LEU A 112 20.47 17.74 -12.42
C LEU A 112 21.92 17.22 -12.37
N VAL A 113 22.87 18.14 -12.34
CA VAL A 113 24.24 17.77 -12.00
C VAL A 113 24.43 18.00 -10.50
N PRO A 114 24.51 16.90 -9.73
CA PRO A 114 24.60 16.97 -8.27
C PRO A 114 25.85 17.71 -7.81
N PHE A 115 25.74 18.52 -6.76
CA PHE A 115 26.88 19.28 -6.27
C PHE A 115 27.83 18.39 -5.47
N TYR A 116 27.36 17.18 -5.17
CA TYR A 116 28.23 16.15 -4.62
C TYR A 116 27.76 14.78 -5.05
N VAL A 117 28.69 13.93 -5.46
CA VAL A 117 28.38 12.55 -5.77
C VAL A 117 29.53 11.62 -5.39
N LYS A 118 29.21 10.56 -4.66
CA LYS A 118 30.20 9.55 -4.29
C LYS A 118 29.75 8.15 -4.70
N ASN A 119 30.65 7.42 -5.37
CA ASN A 119 30.37 6.04 -5.75
C ASN A 119 31.01 5.08 -4.76
N ASP A 120 30.26 4.06 -4.34
CA ASP A 120 30.77 3.09 -3.38
C ASP A 120 31.06 1.74 -4.03
N GLY A 121 30.80 1.66 -5.34
CA GLY A 121 31.13 0.48 -6.11
C GLY A 121 30.46 -0.80 -5.67
N GLY A 122 29.31 -0.68 -5.00
CA GLY A 122 28.57 -1.85 -4.55
C GLY A 122 28.84 -2.23 -3.10
N ALA A 123 29.75 -1.51 -2.47
CA ALA A 123 30.14 -1.78 -1.08
C ALA A 123 28.99 -1.60 -0.11
N ARG A 124 29.07 -2.32 1.01
CA ARG A 124 28.08 -2.23 2.08
C ARG A 124 28.60 -1.33 3.18
N PRO A 125 27.79 -0.34 3.58
CA PRO A 125 28.23 0.67 4.55
C PRO A 125 27.86 0.35 5.99
N GLY A 126 28.37 1.15 6.93
CA GLY A 126 27.98 1.06 8.33
C GLY A 126 26.62 1.68 8.55
N THR A 127 26.21 1.79 9.81
CA THR A 127 24.93 2.39 10.14
C THR A 127 25.01 3.92 10.11
N THR A 128 26.23 4.44 10.20
CA THR A 128 26.47 5.87 10.02
C THR A 128 27.31 6.15 8.78
N VAL A 129 26.77 6.96 7.87
CA VAL A 129 27.51 7.41 6.69
C VAL A 129 27.68 8.92 6.70
N THR A 130 28.89 9.39 6.40
CA THR A 130 29.20 10.81 6.48
C THR A 130 29.84 11.31 5.19
N HIS A 131 29.39 12.47 4.71
CA HIS A 131 29.92 13.06 3.49
C HIS A 131 30.23 14.52 3.69
N GLU A 132 31.37 14.97 3.16
CA GLU A 132 31.68 16.39 3.15
C GLU A 132 31.44 16.96 1.77
N ALA A 133 30.41 17.78 1.64
CA ALA A 133 30.01 18.32 0.37
C ALA A 133 30.10 19.84 0.34
N ASN A 134 30.25 20.39 -0.87
CA ASN A 134 30.30 21.83 -1.04
C ASN A 134 28.98 22.34 -1.61
N VAL A 135 28.15 22.92 -0.74
CA VAL A 135 26.89 23.49 -1.16
C VAL A 135 27.17 24.73 -2.00
N PRO A 136 26.52 24.84 -3.17
CA PRO A 136 26.69 26.01 -4.04
C PRO A 136 26.55 27.32 -3.28
N THR A 137 27.37 28.30 -3.65
CA THR A 137 27.41 29.57 -2.94
C THR A 137 26.74 30.69 -3.73
N ASP A 138 25.99 30.30 -4.76
CA ASP A 138 25.36 31.27 -5.65
C ASP A 138 23.84 31.29 -5.49
N ARG A 139 23.35 30.65 -4.43
CA ARG A 139 21.90 30.62 -4.16
C ARG A 139 21.61 31.12 -2.76
N SER A 140 20.37 31.54 -2.54
CA SER A 140 19.97 32.09 -1.26
C SER A 140 18.49 31.88 -0.97
N GLY A 141 18.15 31.84 0.31
CA GLY A 141 16.76 31.69 0.72
C GLY A 141 16.28 30.25 0.71
N TYR A 142 14.97 30.08 0.54
CA TYR A 142 14.36 28.76 0.56
C TYR A 142 14.76 27.94 -0.65
N HIS A 143 15.48 26.84 -0.40
CA HIS A 143 15.81 25.90 -1.45
C HIS A 143 15.60 24.47 -0.95
N LEU A 144 15.58 23.52 -1.88
CA LEU A 144 15.54 22.11 -1.51
C LEU A 144 16.83 21.42 -1.88
N ILE A 145 17.35 20.62 -0.95
CA ILE A 145 18.41 19.68 -1.27
C ILE A 145 17.80 18.29 -1.34
N LEU A 146 18.08 17.58 -2.42
CA LEU A 146 17.57 16.23 -2.58
C LEU A 146 18.72 15.26 -2.44
N ALA A 147 18.73 14.52 -1.33
CA ALA A 147 19.73 13.50 -1.10
C ALA A 147 19.20 12.17 -1.60
N VAL A 148 20.00 11.50 -2.44
CA VAL A 148 19.58 10.24 -3.02
C VAL A 148 20.57 9.13 -2.71
N TRP A 149 20.05 7.99 -2.29
CA TRP A 149 20.85 6.82 -1.97
C TRP A 149 20.51 5.69 -2.92
N GLU A 150 21.41 5.40 -3.86
CA GLU A 150 21.16 4.40 -4.88
C GLU A 150 21.58 3.01 -4.42
N ILE A 151 20.62 2.09 -4.36
CA ILE A 151 20.88 0.72 -3.94
C ILE A 151 21.32 -0.09 -5.14
N ALA A 152 22.44 -0.80 -5.01
CA ALA A 152 23.01 -1.54 -6.14
C ALA A 152 22.18 -2.75 -6.60
N ASP A 153 21.73 -3.57 -5.66
CA ASP A 153 21.08 -4.84 -6.02
C ASP A 153 19.68 -4.62 -6.54
N THR A 154 18.89 -3.85 -5.79
CA THR A 154 17.54 -3.48 -6.17
C THR A 154 17.61 -2.25 -7.05
N GLY A 155 16.79 -2.21 -8.10
CA GLY A 155 16.76 -1.04 -8.97
C GLY A 155 16.14 0.18 -8.30
N ASN A 156 16.28 0.26 -6.98
CA ASN A 156 15.61 1.27 -6.17
C ASN A 156 16.59 2.27 -5.58
N ALA A 157 16.05 3.39 -5.11
CA ALA A 157 16.84 4.43 -4.46
C ALA A 157 16.02 5.06 -3.34
N PHE A 158 16.72 5.63 -2.36
CA PHE A 158 16.04 6.32 -1.27
C PHE A 158 16.17 7.84 -1.44
N TYR A 159 15.04 8.53 -1.34
CA TYR A 159 15.00 9.94 -1.64
C TYR A 159 14.75 10.76 -0.37
N GLN A 160 15.67 11.67 -0.08
CA GLN A 160 15.57 12.46 1.14
C GLN A 160 15.61 13.95 0.82
N VAL A 161 14.43 14.56 0.77
CA VAL A 161 14.32 16.00 0.55
C VAL A 161 14.63 16.74 1.85
N ILE A 162 15.44 17.79 1.73
CA ILE A 162 15.75 18.63 2.88
C ILE A 162 15.33 20.07 2.61
N ASP A 163 14.49 20.60 3.48
CA ASP A 163 14.04 21.98 3.37
C ASP A 163 15.07 22.88 4.03
N VAL A 164 15.77 23.69 3.23
CA VAL A 164 16.83 24.50 3.78
C VAL A 164 16.60 26.00 3.64
N ASN A 165 17.07 26.73 4.65
CA ASN A 165 17.16 28.18 4.59
C ASN A 165 18.62 28.52 4.34
N LEU A 166 18.92 28.83 3.09
CA LEU A 166 20.32 28.92 2.64
C LEU A 166 20.90 30.31 2.82
N LEU A 167 22.17 30.36 3.21
CA LEU A 167 22.86 31.62 3.46
C LEU A 167 24.14 31.69 2.65
N ASN A 168 24.16 32.58 1.66
CA ASN A 168 25.34 32.83 0.86
C ASN A 168 25.64 34.31 0.70
N ASN A 169 26.47 34.83 1.59
CA ASN A 169 26.82 36.24 1.56
C ASN A 169 28.31 36.43 1.26
N HIS B 1 -2.53 1.46 11.57
CA HIS B 1 -3.31 2.37 10.73
C HIS B 1 -4.39 1.60 10.00
N GLY B 2 -5.36 2.31 9.43
CA GLY B 2 -6.43 1.67 8.69
C GLY B 2 -7.51 2.63 8.22
N TYR B 3 -8.38 2.13 7.34
CA TYR B 3 -9.49 2.92 6.84
C TYR B 3 -10.70 2.03 6.60
N VAL B 4 -11.87 2.63 6.49
CA VAL B 4 -13.08 1.87 6.18
C VAL B 4 -13.21 1.65 4.67
N GLU B 5 -12.96 0.41 4.25
CA GLU B 5 -12.99 0.04 2.84
C GLU B 5 -14.42 0.04 2.28
N SER B 6 -15.37 -0.43 3.07
CA SER B 6 -16.75 -0.59 2.60
C SER B 6 -17.76 -0.43 3.75
N PRO B 7 -18.70 0.51 3.62
CA PRO B 7 -18.84 1.47 2.52
C PRO B 7 -17.70 2.47 2.46
N ALA B 8 -17.31 2.87 1.24
CA ALA B 8 -16.11 3.65 1.04
C ALA B 8 -16.13 4.96 1.82
N SER B 9 -15.17 5.09 2.73
CA SER B 9 -15.08 6.27 3.58
C SER B 9 -14.64 7.48 2.77
N ARG B 10 -14.84 8.66 3.34
CA ARG B 10 -14.48 9.91 2.68
C ARG B 10 -13.01 9.96 2.29
N SER B 11 -12.14 9.53 3.21
CA SER B 11 -10.70 9.54 2.97
C SER B 11 -10.33 8.49 1.94
N TYR B 12 -11.05 7.37 1.94
CA TYR B 12 -10.83 6.32 0.97
C TYR B 12 -11.19 6.80 -0.43
N LEU B 13 -12.30 7.51 -0.55
CA LEU B 13 -12.74 8.07 -1.82
C LEU B 13 -11.81 9.19 -2.29
N CYS B 14 -11.18 9.88 -1.33
CA CYS B 14 -10.16 10.86 -1.66
C CYS B 14 -8.98 10.19 -2.35
N LYS B 15 -8.57 9.05 -1.79
CA LYS B 15 -7.45 8.29 -2.31
C LYS B 15 -7.76 7.74 -3.71
N GLN B 16 -9.02 7.35 -3.92
CA GLN B 16 -9.45 6.84 -5.20
C GLN B 16 -9.69 7.97 -6.20
N GLY B 17 -9.48 9.21 -5.75
CA GLY B 17 -9.61 10.37 -6.60
C GLY B 17 -11.05 10.73 -6.93
N VAL B 18 -11.99 10.16 -6.18
CA VAL B 18 -13.39 10.46 -6.38
C VAL B 18 -13.71 11.78 -5.70
N ASN B 19 -13.24 11.94 -4.48
CA ASN B 19 -13.23 13.24 -3.81
C ASN B 19 -11.97 13.99 -4.22
N VAL B 20 -12.02 15.32 -4.16
CA VAL B 20 -10.87 16.13 -4.55
C VAL B 20 -10.50 17.16 -3.49
N ASN B 21 -9.26 17.62 -3.52
CA ASN B 21 -8.78 18.66 -2.61
C ASN B 21 -8.92 18.25 -1.14
N CYS B 22 -8.41 17.06 -0.84
CA CYS B 22 -8.53 16.46 0.50
C CYS B 22 -7.35 16.80 1.42
N GLY B 23 -6.47 17.68 0.94
CA GLY B 23 -5.26 18.01 1.67
C GLY B 23 -4.16 16.98 1.54
N PRO B 24 -3.19 16.98 2.47
CA PRO B 24 -2.03 16.09 2.29
C PRO B 24 -2.37 14.60 2.33
N ILE B 25 -3.13 14.21 3.33
CA ILE B 25 -3.52 12.82 3.55
C ILE B 25 -4.48 12.28 2.46
N GLN B 26 -4.54 12.99 1.34
CA GLN B 26 -5.46 12.64 0.25
C GLN B 26 -5.29 11.25 -0.38
N TYR B 27 -4.07 10.72 -0.41
CA TYR B 27 -3.83 9.37 -0.92
C TYR B 27 -3.39 8.40 0.15
N GLU B 28 -3.67 8.73 1.41
CA GLU B 28 -3.28 7.91 2.54
C GLU B 28 -4.39 7.86 3.57
N PRO B 29 -5.53 7.23 3.22
CA PRO B 29 -6.71 7.15 4.09
C PRO B 29 -6.46 6.45 5.42
N GLN B 30 -5.45 5.59 5.47
CA GLN B 30 -5.17 4.84 6.69
C GLN B 30 -4.67 5.71 7.84
N SER B 31 -4.32 6.95 7.55
CA SER B 31 -3.62 7.77 8.53
C SER B 31 -4.45 8.91 9.10
N VAL B 32 -5.77 8.74 9.17
CA VAL B 32 -6.61 9.75 9.81
C VAL B 32 -6.57 9.45 11.30
N GLU B 33 -5.43 9.79 11.91
CA GLU B 33 -5.15 9.45 13.30
C GLU B 33 -5.27 10.66 14.21
N GLY B 34 -5.95 10.48 15.35
CA GLY B 34 -6.05 11.52 16.34
C GLY B 34 -6.12 10.98 17.75
N ILE B 35 -6.27 11.88 18.72
CA ILE B 35 -6.48 11.50 20.11
C ILE B 35 -7.72 10.61 20.23
N GLY B 36 -7.63 9.58 21.08
CA GLY B 36 -8.75 8.68 21.26
C GLY B 36 -9.62 9.13 22.41
N GLY B 37 -10.46 8.23 22.91
CA GLY B 37 -11.37 8.55 23.98
C GLY B 37 -12.57 9.35 23.54
N PHE B 38 -13.00 9.12 22.30
CA PHE B 38 -14.18 9.79 21.75
C PHE B 38 -15.43 9.19 22.39
N PRO B 39 -16.44 10.03 22.67
CA PRO B 39 -16.54 11.48 22.41
C PRO B 39 -16.16 12.40 23.57
N GLN B 40 -15.84 11.87 24.75
CA GLN B 40 -15.52 12.74 25.88
C GLN B 40 -14.21 13.48 25.60
N LEU B 41 -13.21 12.74 25.15
CA LEU B 41 -11.99 13.35 24.63
C LEU B 41 -11.98 13.16 23.12
N GLY B 42 -10.82 13.28 22.50
CA GLY B 42 -10.72 13.07 21.07
C GLY B 42 -10.64 14.41 20.36
N PRO B 43 -10.74 14.39 19.02
CA PRO B 43 -10.69 15.66 18.27
C PRO B 43 -11.86 16.58 18.64
N SER B 44 -11.58 17.88 18.67
CA SER B 44 -12.57 18.90 19.00
C SER B 44 -13.66 19.02 17.93
N ASP B 45 -14.77 19.65 18.30
CA ASP B 45 -15.83 19.96 17.35
C ASP B 45 -15.30 20.72 16.15
N GLY B 46 -15.78 20.36 14.96
CA GLY B 46 -15.34 20.98 13.73
C GLY B 46 -14.02 20.43 13.22
N GLN B 47 -13.46 19.46 13.96
CA GLN B 47 -12.19 18.85 13.58
C GLN B 47 -12.21 17.33 13.71
N ILE B 48 -13.41 16.76 13.73
CA ILE B 48 -13.58 15.33 13.92
C ILE B 48 -13.19 14.50 12.70
N ALA B 49 -13.59 14.99 11.52
CA ALA B 49 -13.35 14.25 10.26
C ALA B 49 -11.87 14.11 9.95
N GLY B 50 -11.10 15.12 10.36
CA GLY B 50 -9.66 15.12 10.15
C GLY B 50 -8.91 14.63 11.36
N ALA B 51 -9.65 14.34 12.43
CA ALA B 51 -9.09 13.82 13.69
C ALA B 51 -8.17 14.82 14.37
N GLY B 52 -8.48 16.10 14.23
CA GLY B 52 -7.73 17.15 14.88
C GLY B 52 -6.65 17.72 13.97
N HIS B 53 -6.32 16.93 12.95
CA HIS B 53 -5.41 17.35 11.90
C HIS B 53 -6.19 17.42 10.59
N PHE B 54 -5.50 17.75 9.51
CA PHE B 54 -6.10 17.76 8.16
C PHE B 54 -7.44 18.48 8.07
N PRO B 55 -7.45 19.81 8.27
CA PRO B 55 -8.70 20.59 8.25
C PRO B 55 -9.52 20.39 6.97
N ALA B 56 -8.90 19.93 5.89
CA ALA B 56 -9.58 19.77 4.61
C ALA B 56 -10.70 18.72 4.67
N LEU B 57 -10.50 17.67 5.45
CA LEU B 57 -11.53 16.65 5.61
C LEU B 57 -12.73 17.16 6.39
N ASP B 58 -12.51 18.23 7.13
CA ASP B 58 -13.52 18.78 8.02
C ASP B 58 -14.44 19.76 7.30
N VAL B 59 -14.11 20.07 6.05
CA VAL B 59 -14.95 20.95 5.24
C VAL B 59 -16.29 20.25 5.01
N GLN B 60 -17.38 20.99 5.23
CA GLN B 60 -18.70 20.39 5.15
C GLN B 60 -19.75 21.29 4.50
N THR B 61 -20.20 20.88 3.32
CA THR B 61 -21.36 21.46 2.65
C THR B 61 -22.16 20.31 2.06
N VAL B 62 -23.30 20.60 1.46
CA VAL B 62 -24.16 19.55 0.91
C VAL B 62 -23.55 18.86 -0.31
N ASP B 63 -22.76 19.61 -1.08
CA ASP B 63 -22.23 19.08 -2.34
C ASP B 63 -20.72 18.84 -2.30
N ARG B 64 -20.11 19.11 -1.16
CA ARG B 64 -18.66 18.98 -1.02
C ARG B 64 -18.13 17.57 -1.27
N TRP B 65 -18.84 16.56 -0.79
CA TRP B 65 -18.35 15.19 -0.85
C TRP B 65 -19.26 14.28 -1.67
N LYS B 66 -18.66 13.23 -2.23
CA LYS B 66 -19.42 12.23 -2.97
C LYS B 66 -20.01 11.22 -2.01
N LYS B 67 -21.27 10.85 -2.22
CA LYS B 67 -21.97 10.00 -1.27
C LYS B 67 -22.02 8.55 -1.70
N VAL B 68 -21.93 7.65 -0.72
CA VAL B 68 -22.17 6.23 -0.95
C VAL B 68 -23.63 5.93 -0.67
N THR B 69 -24.29 5.21 -1.57
CA THR B 69 -25.72 4.96 -1.41
C THR B 69 -25.98 3.68 -0.63
N LEU B 70 -26.76 3.79 0.42
CA LEU B 70 -27.03 2.67 1.32
C LEU B 70 -28.50 2.58 1.71
N ASN B 71 -28.95 1.35 1.95
CA ASN B 71 -30.26 1.13 2.57
C ASN B 71 -30.13 1.14 4.08
N GLY B 72 -31.19 1.58 4.76
CA GLY B 72 -31.23 1.48 6.20
C GLY B 72 -31.29 0.04 6.66
N GLY B 73 -31.04 -0.18 7.94
CA GLY B 73 -31.06 -1.52 8.50
C GLY B 73 -29.66 -2.12 8.56
N THR B 74 -29.61 -3.46 8.57
CA THR B 74 -28.34 -4.17 8.71
C THR B 74 -27.43 -3.93 7.52
N ASN B 75 -26.19 -3.53 7.81
CA ASN B 75 -25.19 -3.28 6.79
C ASN B 75 -23.84 -3.84 7.20
N THR B 76 -23.04 -4.25 6.22
CA THR B 76 -21.71 -4.77 6.51
C THR B 76 -20.68 -3.65 6.42
N PHE B 77 -19.91 -3.51 7.48
CA PHE B 77 -18.85 -2.50 7.53
C PHE B 77 -17.50 -3.18 7.56
N LYS B 78 -16.71 -2.94 6.52
CA LYS B 78 -15.45 -3.62 6.34
C LYS B 78 -14.26 -2.67 6.42
N TRP B 79 -13.40 -2.88 7.41
CA TRP B 79 -12.16 -2.14 7.50
C TRP B 79 -11.05 -2.78 6.67
N LYS B 80 -10.08 -1.96 6.28
CA LYS B 80 -8.84 -2.46 5.72
C LYS B 80 -7.74 -1.92 6.63
N LEU B 81 -6.98 -2.81 7.24
CA LEU B 81 -5.96 -2.38 8.18
C LEU B 81 -4.58 -2.52 7.56
N THR B 82 -3.92 -1.38 7.39
CA THR B 82 -2.59 -1.32 6.80
C THR B 82 -1.59 -1.64 7.87
N ALA B 83 -1.99 -1.35 9.09
CA ALA B 83 -1.30 -1.82 10.29
C ALA B 83 -2.37 -2.04 11.34
N PRO B 84 -2.70 -3.31 11.62
CA PRO B 84 -3.70 -3.66 12.62
C PRO B 84 -3.12 -3.34 13.96
N HIS B 85 -3.88 -2.74 14.83
CA HIS B 85 -3.32 -2.40 16.11
C HIS B 85 -4.14 -2.84 17.27
N SER B 86 -3.46 -3.03 18.39
CA SER B 86 -4.15 -3.52 19.56
C SER B 86 -5.43 -2.71 19.81
N THR B 87 -6.55 -3.41 19.91
CA THR B 87 -7.82 -2.73 19.80
C THR B 87 -8.60 -2.73 21.10
N LYS B 88 -8.88 -1.52 21.53
CA LYS B 88 -9.74 -1.29 22.67
C LYS B 88 -11.15 -1.65 22.22
N GLU B 89 -11.64 -0.91 21.23
CA GLU B 89 -13.00 -1.08 20.76
C GLU B 89 -13.23 -0.56 19.34
N TRP B 90 -14.33 -0.99 18.73
CA TRP B 90 -14.79 -0.43 17.46
C TRP B 90 -16.14 0.25 17.67
N LYS B 91 -16.28 1.48 17.18
CA LYS B 91 -17.52 2.22 17.38
C LYS B 91 -18.03 2.84 16.08
N TYR B 92 -19.35 2.93 15.97
CA TYR B 92 -19.99 3.54 14.80
C TYR B 92 -21.08 4.53 15.21
N TYR B 93 -20.91 5.79 14.82
CA TYR B 93 -21.87 6.84 15.14
C TYR B 93 -22.61 7.29 13.89
N ILE B 94 -23.78 7.90 14.06
CA ILE B 94 -24.50 8.49 12.93
C ILE B 94 -25.07 9.87 13.29
N THR B 95 -25.17 10.73 12.28
CA THR B 95 -25.74 12.06 12.46
C THR B 95 -27.20 12.01 12.90
N LYS B 96 -27.63 13.04 13.63
CA LYS B 96 -29.01 13.16 14.08
C LYS B 96 -29.95 13.35 12.89
N LYS B 97 -31.24 13.10 13.10
CA LYS B 97 -32.22 13.17 12.03
C LYS B 97 -32.29 14.54 11.34
N GLY B 98 -32.16 15.60 12.13
CA GLY B 98 -32.22 16.95 11.60
C GLY B 98 -30.88 17.65 11.66
N TRP B 99 -29.82 16.92 11.36
CA TRP B 99 -28.46 17.44 11.48
C TRP B 99 -28.16 18.48 10.42
N ASN B 100 -27.13 19.29 10.66
CA ASN B 100 -26.76 20.40 9.80
C ASN B 100 -25.61 20.06 8.86
N PRO B 101 -25.92 19.73 7.60
CA PRO B 101 -24.93 19.29 6.62
C PRO B 101 -24.12 20.45 6.01
N ASN B 102 -24.45 21.68 6.34
CA ASN B 102 -23.73 22.83 5.78
C ASN B 102 -22.80 23.47 6.79
N LYS B 103 -22.45 22.72 7.82
CA LYS B 103 -21.59 23.22 8.89
C LYS B 103 -20.65 22.10 9.30
N PRO B 104 -19.42 22.43 9.71
CA PRO B 104 -18.47 21.40 10.12
C PRO B 104 -19.05 20.54 11.24
N LEU B 105 -18.68 19.27 11.27
CA LEU B 105 -19.33 18.31 12.16
C LEU B 105 -19.08 18.58 13.64
N THR B 106 -20.17 18.63 14.41
CA THR B 106 -20.09 18.83 15.84
C THR B 106 -20.83 17.70 16.54
N ARG B 107 -20.43 17.47 17.79
CA ARG B 107 -21.00 16.45 18.65
C ARG B 107 -22.52 16.58 18.73
N SER B 108 -23.00 17.83 18.70
CA SER B 108 -24.42 18.13 18.77
C SER B 108 -25.21 17.60 17.57
N ASP B 109 -24.53 17.40 16.44
CA ASP B 109 -25.19 16.85 15.25
C ASP B 109 -25.11 15.33 15.22
N LEU B 110 -24.42 14.75 16.18
CA LEU B 110 -24.25 13.29 16.24
C LEU B 110 -25.06 12.62 17.33
N ASP B 111 -25.57 11.43 17.02
CA ASP B 111 -26.00 10.50 18.05
C ASP B 111 -24.77 9.99 18.78
N LEU B 112 -24.42 10.63 19.90
CA LEU B 112 -23.17 10.34 20.59
C LEU B 112 -23.17 8.98 21.27
N VAL B 113 -24.32 8.31 21.29
CA VAL B 113 -24.39 6.91 21.65
C VAL B 113 -24.31 6.08 20.37
N PRO B 114 -23.19 5.38 20.17
CA PRO B 114 -22.95 4.66 18.91
C PRO B 114 -24.02 3.60 18.65
N PHE B 115 -24.46 3.48 17.39
CA PHE B 115 -25.50 2.51 17.04
C PHE B 115 -24.90 1.11 16.91
N TYR B 116 -23.58 1.04 16.93
CA TYR B 116 -22.87 -0.24 17.05
C TYR B 116 -21.55 -0.05 17.77
N VAL B 117 -21.25 -0.97 18.68
CA VAL B 117 -19.96 -0.97 19.35
C VAL B 117 -19.50 -2.41 19.60
N LYS B 118 -18.25 -2.68 19.24
CA LYS B 118 -17.66 -3.99 19.52
C LYS B 118 -16.39 -3.82 20.33
N ASN B 119 -16.31 -4.56 21.43
CA ASN B 119 -15.13 -4.54 22.27
C ASN B 119 -14.22 -5.74 21.99
N ASP B 120 -12.93 -5.48 21.84
CA ASP B 120 -11.99 -6.56 21.57
C ASP B 120 -11.14 -6.85 22.80
N GLY B 121 -11.37 -6.07 23.87
CA GLY B 121 -10.70 -6.31 25.14
C GLY B 121 -9.19 -6.21 25.07
N GLY B 122 -8.70 -5.48 24.08
CA GLY B 122 -7.28 -5.30 23.89
C GLY B 122 -6.73 -6.25 22.83
N ALA B 123 -7.57 -7.15 22.34
CA ALA B 123 -7.12 -8.08 21.31
C ALA B 123 -6.79 -7.31 20.05
N ARG B 124 -5.83 -7.80 19.30
CA ARG B 124 -5.43 -7.17 18.05
C ARG B 124 -6.06 -7.97 16.89
N PRO B 125 -6.67 -7.26 15.93
CA PRO B 125 -7.46 -7.92 14.90
C PRO B 125 -6.68 -8.29 13.65
N GLY B 126 -7.35 -8.97 12.72
CA GLY B 126 -6.75 -9.31 11.44
C GLY B 126 -6.59 -8.10 10.53
N THR B 127 -6.15 -8.33 9.30
CA THR B 127 -5.95 -7.24 8.36
C THR B 127 -7.27 -6.77 7.74
N THR B 128 -8.24 -7.67 7.75
CA THR B 128 -9.60 -7.30 7.37
C THR B 128 -10.51 -7.46 8.58
N VAL B 129 -11.19 -6.37 8.95
CA VAL B 129 -12.14 -6.42 10.04
C VAL B 129 -13.53 -6.14 9.49
N THR B 130 -14.49 -6.96 9.90
CA THR B 130 -15.85 -6.88 9.37
C THR B 130 -16.88 -6.80 10.49
N HIS B 131 -17.85 -5.92 10.32
CA HIS B 131 -18.91 -5.74 11.32
C HIS B 131 -20.29 -5.70 10.68
N GLU B 132 -21.25 -6.34 11.32
CA GLU B 132 -22.66 -6.21 10.95
C GLU B 132 -23.34 -5.25 11.91
N ALA B 133 -23.69 -4.08 11.40
CA ALA B 133 -24.31 -3.05 12.22
C ALA B 133 -25.69 -2.72 11.69
N ASN B 134 -26.54 -2.20 12.56
CA ASN B 134 -27.88 -1.81 12.14
C ASN B 134 -27.99 -0.30 12.01
N VAL B 135 -27.95 0.16 10.76
CA VAL B 135 -28.12 1.58 10.47
C VAL B 135 -29.57 1.95 10.72
N PRO B 136 -29.79 3.06 11.45
CA PRO B 136 -31.15 3.56 11.72
C PRO B 136 -32.01 3.66 10.47
N THR B 137 -33.29 3.34 10.60
CA THR B 137 -34.21 3.35 9.48
C THR B 137 -35.16 4.53 9.57
N ASP B 138 -34.84 5.48 10.44
CA ASP B 138 -35.70 6.63 10.67
C ASP B 138 -35.06 7.89 10.11
N ARG B 139 -34.01 7.71 9.32
CA ARG B 139 -33.33 8.82 8.67
C ARG B 139 -33.30 8.58 7.17
N SER B 140 -33.14 9.66 6.41
CA SER B 140 -33.13 9.58 4.96
C SER B 140 -32.30 10.70 4.38
N GLY B 141 -31.75 10.47 3.19
CA GLY B 141 -30.96 11.48 2.51
C GLY B 141 -29.54 11.51 3.01
N TYR B 142 -28.92 12.68 2.91
CA TYR B 142 -27.51 12.85 3.26
C TYR B 142 -27.26 12.73 4.77
N HIS B 143 -26.48 11.73 5.14
CA HIS B 143 -26.04 11.57 6.53
C HIS B 143 -24.56 11.21 6.62
N LEU B 144 -24.00 11.34 7.80
CA LEU B 144 -22.63 10.88 8.05
C LEU B 144 -22.61 9.69 9.00
N ILE B 145 -21.86 8.67 8.64
CA ILE B 145 -21.52 7.61 9.58
C ILE B 145 -20.08 7.80 10.00
N LEU B 146 -19.82 7.80 11.30
CA LEU B 146 -18.46 7.96 11.79
C LEU B 146 -17.95 6.68 12.42
N ALA B 147 -16.98 6.05 11.76
CA ALA B 147 -16.34 4.85 12.28
C ALA B 147 -15.11 5.23 13.06
N VAL B 148 -15.02 4.74 14.30
CA VAL B 148 -13.89 5.07 15.16
C VAL B 148 -13.19 3.79 15.62
N TRP B 149 -11.87 3.79 15.53
CA TRP B 149 -11.07 2.64 15.94
C TRP B 149 -10.15 3.01 17.11
N GLU B 150 -10.49 2.54 18.30
CA GLU B 150 -9.73 2.89 19.50
C GLU B 150 -8.56 1.93 19.74
N ILE B 151 -7.36 2.48 19.74
CA ILE B 151 -6.15 1.69 19.93
C ILE B 151 -5.91 1.54 21.43
N ALA B 152 -5.57 0.33 21.87
CA ALA B 152 -5.54 -0.02 23.30
C ALA B 152 -4.60 0.85 24.16
N ASP B 153 -3.37 0.42 24.36
CA ASP B 153 -2.48 1.09 25.30
C ASP B 153 -2.03 2.45 24.78
N THR B 154 -1.72 2.51 23.48
CA THR B 154 -1.34 3.77 22.87
C THR B 154 -2.60 4.58 22.59
N GLY B 155 -2.93 5.43 23.56
CA GLY B 155 -4.08 6.33 23.54
C GLY B 155 -4.58 7.01 22.29
N ASN B 156 -4.41 6.41 21.12
CA ASN B 156 -4.77 7.06 19.87
C ASN B 156 -5.95 6.35 19.21
N ALA B 157 -6.59 7.02 18.27
CA ALA B 157 -7.70 6.42 17.54
C ALA B 157 -7.72 6.88 16.09
N PHE B 158 -8.28 6.07 15.22
CA PHE B 158 -8.42 6.42 13.82
C PHE B 158 -9.88 6.72 13.49
N TYR B 159 -10.12 7.85 12.85
CA TYR B 159 -11.48 8.33 12.62
C TYR B 159 -11.83 8.28 11.13
N GLN B 160 -12.92 7.58 10.81
CA GLN B 160 -13.30 7.36 9.42
C GLN B 160 -14.72 7.84 9.11
N VAL B 161 -14.82 9.02 8.52
CA VAL B 161 -16.10 9.58 8.09
C VAL B 161 -16.57 8.95 6.78
N ILE B 162 -17.85 8.58 6.73
CA ILE B 162 -18.42 8.05 5.50
C ILE B 162 -19.61 8.91 5.08
N ASP B 163 -19.55 9.47 3.86
CA ASP B 163 -20.65 10.25 3.33
C ASP B 163 -21.66 9.32 2.67
N VAL B 164 -22.85 9.20 3.27
CA VAL B 164 -23.84 8.26 2.76
C VAL B 164 -25.14 8.90 2.29
N ASN B 165 -25.73 8.29 1.27
CA ASN B 165 -27.09 8.63 0.84
C ASN B 165 -28.05 7.55 1.34
N LEU B 166 -28.76 7.85 2.43
CA LEU B 166 -29.53 6.85 3.15
C LEU B 166 -30.97 6.73 2.67
N LEU B 167 -31.46 5.49 2.59
CA LEU B 167 -32.82 5.22 2.13
C LEU B 167 -33.23 3.77 2.45
N ASN B 168 -34.16 3.60 3.39
CA ASN B 168 -34.79 4.71 4.09
C ASN B 168 -34.45 4.73 5.58
N HIS C 1 -11.69 -12.90 -15.56
CA HIS C 1 -12.53 -11.86 -14.98
C HIS C 1 -11.70 -10.89 -14.17
N GLY C 2 -12.06 -9.61 -14.25
CA GLY C 2 -11.33 -8.57 -13.55
C GLY C 2 -11.82 -7.18 -13.84
N TYR C 3 -11.33 -6.22 -13.05
CA TYR C 3 -11.70 -4.82 -13.22
C TYR C 3 -10.52 -3.93 -12.88
N VAL C 4 -10.58 -2.67 -13.32
CA VAL C 4 -9.52 -1.71 -13.00
C VAL C 4 -9.74 -1.13 -11.61
N GLU C 5 -8.92 -1.57 -10.66
CA GLU C 5 -9.01 -1.14 -9.28
C GLU C 5 -8.64 0.33 -9.13
N SER C 6 -7.62 0.74 -9.88
CA SER C 6 -7.09 2.10 -9.79
C SER C 6 -6.48 2.51 -11.12
N PRO C 7 -6.99 3.61 -11.72
CA PRO C 7 -8.10 4.44 -11.25
C PRO C 7 -9.44 3.71 -11.29
N ALA C 8 -10.30 3.98 -10.32
CA ALA C 8 -11.53 3.22 -10.14
C ALA C 8 -12.41 3.29 -11.38
N SER C 9 -12.65 2.13 -11.98
CA SER C 9 -13.46 2.05 -13.18
C SER C 9 -14.93 2.32 -12.86
N ARG C 10 -15.71 2.60 -13.90
CA ARG C 10 -17.12 2.91 -13.73
C ARG C 10 -17.88 1.80 -13.03
N SER C 11 -17.61 0.56 -13.42
CA SER C 11 -18.27 -0.60 -12.83
C SER C 11 -17.78 -0.81 -11.39
N TYR C 12 -16.51 -0.49 -11.15
CA TYR C 12 -15.94 -0.60 -9.81
C TYR C 12 -16.61 0.39 -8.86
N LEU C 13 -16.81 1.63 -9.32
CA LEU C 13 -17.47 2.64 -8.50
C LEU C 13 -18.94 2.32 -8.32
N CYS C 14 -19.52 1.61 -9.29
CA CYS C 14 -20.88 1.11 -9.15
C CYS C 14 -21.01 0.13 -7.99
N LYS C 15 -20.05 -0.80 -7.89
CA LYS C 15 -20.07 -1.80 -6.84
C LYS C 15 -19.87 -1.13 -5.49
N GLN C 16 -19.05 -0.08 -5.45
CA GLN C 16 -18.78 0.65 -4.23
C GLN C 16 -19.92 1.61 -3.86
N GLY C 17 -20.96 1.62 -4.68
CA GLY C 17 -22.13 2.44 -4.41
C GLY C 17 -21.95 3.93 -4.66
N VAL C 18 -20.87 4.30 -5.34
CA VAL C 18 -20.63 5.69 -5.68
C VAL C 18 -21.45 6.08 -6.90
N ASN C 19 -21.43 5.21 -7.91
CA ASN C 19 -22.36 5.33 -9.02
C ASN C 19 -23.68 4.65 -8.66
N VAL C 20 -24.76 5.09 -9.29
CA VAL C 20 -26.08 4.51 -9.00
C VAL C 20 -26.78 4.06 -10.26
N ASN C 21 -27.73 3.13 -10.09
CA ASN C 21 -28.53 2.61 -11.20
C ASN C 21 -27.66 1.97 -12.27
N CYS C 22 -26.72 1.14 -11.83
CA CYS C 22 -25.77 0.52 -12.75
C CYS C 22 -26.27 -0.86 -13.21
N GLY C 23 -27.43 -1.26 -12.70
CA GLY C 23 -27.94 -2.58 -13.00
C GLY C 23 -27.18 -3.65 -12.24
N PRO C 24 -27.23 -4.89 -12.75
CA PRO C 24 -26.64 -6.07 -12.11
C PRO C 24 -25.12 -5.97 -11.95
N ILE C 25 -24.45 -5.28 -12.87
CA ILE C 25 -22.99 -5.18 -12.87
C ILE C 25 -22.43 -4.63 -11.55
N GLN C 26 -23.28 -3.97 -10.77
CA GLN C 26 -22.87 -3.46 -9.46
C GLN C 26 -22.47 -4.62 -8.56
N TYR C 27 -22.95 -5.83 -8.86
CA TYR C 27 -22.64 -6.98 -8.02
C TYR C 27 -21.53 -7.84 -8.62
N GLU C 28 -21.05 -7.47 -9.79
CA GLU C 28 -19.93 -8.17 -10.42
C GLU C 28 -19.13 -7.27 -11.36
N PRO C 29 -18.42 -6.27 -10.81
CA PRO C 29 -17.66 -5.35 -11.66
C PRO C 29 -16.57 -6.06 -12.48
N GLN C 30 -16.11 -7.20 -11.98
CA GLN C 30 -15.09 -8.00 -12.64
C GLN C 30 -15.57 -8.67 -13.94
N SER C 31 -16.88 -8.63 -14.18
CA SER C 31 -17.48 -9.47 -15.22
C SER C 31 -17.95 -8.73 -16.48
N VAL C 32 -17.29 -7.63 -16.84
CA VAL C 32 -17.66 -6.93 -18.07
C VAL C 32 -16.96 -7.59 -19.27
N GLU C 33 -17.47 -8.74 -19.68
CA GLU C 33 -16.85 -9.53 -20.73
C GLU C 33 -17.64 -9.46 -22.04
N GLY C 34 -16.93 -9.25 -23.13
CA GLY C 34 -17.53 -9.25 -24.45
C GLY C 34 -16.57 -9.79 -25.48
N ILE C 35 -16.99 -9.81 -26.74
CA ILE C 35 -16.12 -10.21 -27.85
C ILE C 35 -14.86 -9.36 -27.87
N GLY C 36 -13.71 -9.99 -28.14
CA GLY C 36 -12.45 -9.28 -28.17
C GLY C 36 -12.08 -8.81 -29.57
N GLY C 37 -10.81 -8.47 -29.75
CA GLY C 37 -10.34 -7.97 -31.03
C GLY C 37 -10.71 -6.53 -31.28
N PHE C 38 -10.78 -5.74 -30.21
CA PHE C 38 -11.11 -4.33 -30.30
C PHE C 38 -9.94 -3.56 -30.92
N PRO C 39 -10.22 -2.56 -31.77
CA PRO C 39 -11.53 -2.04 -32.16
C PRO C 39 -12.10 -2.66 -33.44
N GLN C 40 -11.34 -3.54 -34.09
CA GLN C 40 -11.78 -4.13 -35.35
C GLN C 40 -13.00 -5.01 -35.12
N LEU C 41 -12.92 -5.85 -34.10
CA LEU C 41 -14.07 -6.60 -33.63
C LEU C 41 -14.52 -6.03 -32.30
N GLY C 42 -15.28 -6.82 -31.54
CA GLY C 42 -15.72 -6.40 -30.23
C GLY C 42 -17.15 -5.94 -30.18
N PRO C 43 -17.58 -5.37 -29.04
CA PRO C 43 -18.92 -4.83 -28.84
C PRO C 43 -19.25 -3.73 -29.83
N SER C 44 -20.52 -3.62 -30.23
CA SER C 44 -20.93 -2.61 -31.19
C SER C 44 -20.75 -1.22 -30.61
N ASP C 45 -20.67 -0.22 -31.50
CA ASP C 45 -20.63 1.17 -31.09
C ASP C 45 -21.83 1.52 -30.20
N GLY C 46 -21.58 2.31 -29.16
CA GLY C 46 -22.61 2.67 -28.21
C GLY C 46 -22.82 1.60 -27.16
N GLN C 47 -22.04 0.52 -27.24
CA GLN C 47 -22.14 -0.58 -26.29
C GLN C 47 -20.78 -1.08 -25.82
N ILE C 48 -19.78 -0.21 -25.93
CA ILE C 48 -18.41 -0.55 -25.57
C ILE C 48 -18.26 -0.66 -24.05
N ALA C 49 -18.89 0.26 -23.33
CA ALA C 49 -18.73 0.33 -21.87
C ALA C 49 -19.30 -0.90 -21.17
N GLY C 50 -20.37 -1.46 -21.71
CA GLY C 50 -20.95 -2.66 -21.13
C GLY C 50 -20.52 -3.92 -21.84
N ALA C 51 -19.81 -3.75 -22.96
CA ALA C 51 -19.29 -4.87 -23.74
C ALA C 51 -20.41 -5.75 -24.29
N GLY C 52 -21.56 -5.12 -24.56
CA GLY C 52 -22.68 -5.82 -25.14
C GLY C 52 -23.67 -6.36 -24.12
N HIS C 53 -23.21 -6.48 -22.88
CA HIS C 53 -24.08 -6.83 -21.78
C HIS C 53 -24.11 -5.64 -20.84
N PHE C 54 -24.86 -5.72 -19.75
CA PHE C 54 -24.95 -4.61 -18.79
C PHE C 54 -25.15 -3.26 -19.49
N PRO C 55 -26.27 -3.08 -20.20
CA PRO C 55 -26.54 -1.85 -20.96
C PRO C 55 -26.50 -0.56 -20.14
N ALA C 56 -26.65 -0.67 -18.83
CA ALA C 56 -26.71 0.50 -17.97
C ALA C 56 -25.42 1.31 -17.99
N LEU C 57 -24.29 0.61 -18.15
CA LEU C 57 -22.99 1.27 -18.21
C LEU C 57 -22.81 2.11 -19.46
N ASP C 58 -23.62 1.82 -20.48
CA ASP C 58 -23.47 2.48 -21.78
C ASP C 58 -24.24 3.79 -21.88
N VAL C 59 -25.07 4.08 -20.88
CA VAL C 59 -25.76 5.37 -20.84
C VAL C 59 -24.72 6.46 -20.63
N GLN C 60 -24.81 7.54 -21.41
CA GLN C 60 -23.77 8.55 -21.38
C GLN C 60 -24.29 9.99 -21.43
N THR C 61 -24.11 10.71 -20.32
CA THR C 61 -24.33 12.15 -20.28
C THR C 61 -23.18 12.76 -19.46
N VAL C 62 -23.15 14.08 -19.36
CA VAL C 62 -22.07 14.77 -18.66
C VAL C 62 -22.06 14.54 -17.14
N ASP C 63 -23.24 14.37 -16.56
CA ASP C 63 -23.35 14.24 -15.10
C ASP C 63 -23.74 12.83 -14.67
N ARG C 64 -23.90 11.93 -15.63
CA ARG C 64 -24.33 10.57 -15.35
C ARG C 64 -23.41 9.81 -14.42
N TRP C 65 -22.11 9.98 -14.59
CA TRP C 65 -21.13 9.19 -13.84
C TRP C 65 -20.22 10.04 -12.96
N LYS C 66 -19.70 9.44 -11.90
CA LYS C 66 -18.76 10.11 -11.00
C LYS C 66 -17.35 10.00 -11.58
N LYS C 67 -16.60 11.10 -11.53
CA LYS C 67 -15.30 11.16 -12.21
C LYS C 67 -14.12 10.94 -11.26
N VAL C 68 -13.09 10.27 -11.77
CA VAL C 68 -11.82 10.16 -11.08
C VAL C 68 -10.88 11.26 -11.57
N THR C 69 -10.22 11.95 -10.66
CA THR C 69 -9.38 13.08 -11.05
C THR C 69 -7.95 12.61 -11.30
N LEU C 70 -7.42 12.93 -12.47
CA LEU C 70 -6.09 12.48 -12.87
C LEU C 70 -5.27 13.60 -13.49
N ASN C 71 -3.96 13.55 -13.28
CA ASN C 71 -3.03 14.39 -14.02
C ASN C 71 -2.61 13.72 -15.31
N GLY C 72 -2.31 14.52 -16.33
CA GLY C 72 -1.74 13.98 -17.54
C GLY C 72 -0.34 13.47 -17.27
N GLY C 73 0.21 12.69 -18.20
CA GLY C 73 1.54 12.14 -18.03
C GLY C 73 1.50 10.73 -17.47
N THR C 74 2.57 10.32 -16.82
CA THR C 74 2.69 8.95 -16.32
C THR C 74 1.67 8.65 -15.24
N ASN C 75 0.94 7.54 -15.41
CA ASN C 75 -0.05 7.11 -14.44
C ASN C 75 0.01 5.61 -14.21
N THR C 76 -0.30 5.18 -13.00
CA THR C 76 -0.32 3.76 -12.67
C THR C 76 -1.72 3.17 -12.83
N PHE C 77 -1.83 2.12 -13.62
CA PHE C 77 -3.11 1.46 -13.84
C PHE C 77 -3.08 0.06 -13.25
N LYS C 78 -3.93 -0.18 -12.25
CA LYS C 78 -3.90 -1.44 -11.52
C LYS C 78 -5.19 -2.25 -11.72
N TRP C 79 -5.04 -3.45 -12.27
CA TRP C 79 -6.17 -4.36 -12.38
C TRP C 79 -6.33 -5.19 -11.11
N LYS C 80 -7.55 -5.65 -10.89
CA LYS C 80 -7.85 -6.64 -9.88
C LYS C 80 -8.47 -7.81 -10.64
N LEU C 81 -7.83 -8.98 -10.57
CA LEU C 81 -8.31 -10.11 -11.36
C LEU C 81 -8.92 -11.17 -10.45
N THR C 82 -10.22 -11.41 -10.60
CA THR C 82 -10.88 -12.41 -9.78
C THR C 82 -10.66 -13.79 -10.38
N ALA C 83 -10.36 -13.81 -11.67
CA ALA C 83 -9.90 -15.03 -12.31
C ALA C 83 -8.86 -14.64 -13.37
N PRO C 84 -7.60 -15.02 -13.13
CA PRO C 84 -6.51 -14.79 -14.09
C PRO C 84 -6.65 -15.68 -15.32
N HIS C 85 -6.44 -15.12 -16.50
CA HIS C 85 -6.59 -15.88 -17.73
C HIS C 85 -5.36 -15.71 -18.61
N SER C 86 -5.12 -16.67 -19.50
CA SER C 86 -4.07 -16.51 -20.50
C SER C 86 -4.30 -15.20 -21.22
N THR C 87 -3.27 -14.37 -21.30
CA THR C 87 -3.46 -12.99 -21.74
C THR C 87 -2.80 -12.68 -23.07
N LYS C 88 -3.60 -12.20 -24.01
CA LYS C 88 -3.07 -11.70 -25.28
C LYS C 88 -2.36 -10.37 -25.06
N GLU C 89 -3.11 -9.36 -24.65
CA GLU C 89 -2.56 -8.03 -24.47
C GLU C 89 -3.38 -7.16 -23.54
N TRP C 90 -2.77 -6.09 -23.05
CA TRP C 90 -3.46 -5.04 -22.30
C TRP C 90 -3.42 -3.74 -23.09
N LYS C 91 -4.56 -3.08 -23.22
CA LYS C 91 -4.62 -1.84 -23.98
C LYS C 91 -5.33 -0.73 -23.22
N TYR C 92 -4.89 0.50 -23.44
CA TYR C 92 -5.53 1.66 -22.82
C TYR C 92 -5.79 2.75 -23.85
N TYR C 93 -7.06 3.08 -24.05
CA TYR C 93 -7.46 4.10 -25.01
C TYR C 93 -7.97 5.34 -24.27
N ILE C 94 -8.00 6.47 -24.96
CA ILE C 94 -8.61 7.67 -24.41
C ILE C 94 -9.49 8.35 -25.47
N THR C 95 -10.54 9.02 -25.01
CA THR C 95 -11.43 9.77 -25.90
C THR C 95 -10.68 10.88 -26.62
N LYS C 96 -11.16 11.22 -27.81
CA LYS C 96 -10.56 12.28 -28.60
C LYS C 96 -10.68 13.63 -27.89
N LYS C 97 -9.88 14.59 -28.31
CA LYS C 97 -9.81 15.90 -27.66
C LYS C 97 -11.17 16.61 -27.64
N GLY C 98 -11.92 16.47 -28.72
CA GLY C 98 -13.23 17.11 -28.83
C GLY C 98 -14.41 16.15 -28.82
N TRP C 99 -14.34 15.11 -27.98
CA TRP C 99 -15.35 14.07 -27.98
C TRP C 99 -16.68 14.53 -27.40
N ASN C 100 -17.75 13.80 -27.69
CA ASN C 100 -19.12 14.15 -27.30
C ASN C 100 -19.57 13.38 -26.06
N PRO C 101 -19.52 14.04 -24.89
CA PRO C 101 -19.86 13.40 -23.61
C PRO C 101 -21.35 13.22 -23.35
N ASN C 102 -22.20 13.71 -24.24
CA ASN C 102 -23.64 13.59 -24.05
C ASN C 102 -24.28 12.53 -24.95
N LYS C 103 -23.44 11.64 -25.45
CA LYS C 103 -23.87 10.59 -26.38
C LYS C 103 -23.09 9.30 -26.07
N PRO C 104 -23.74 8.14 -26.26
CA PRO C 104 -23.09 6.86 -25.95
C PRO C 104 -21.77 6.66 -26.69
N LEU C 105 -20.82 5.98 -26.04
CA LEU C 105 -19.47 5.89 -26.55
C LEU C 105 -19.35 5.06 -27.83
N THR C 106 -18.73 5.65 -28.84
CA THR C 106 -18.48 4.98 -30.12
C THR C 106 -17.00 5.08 -30.46
N ARG C 107 -16.51 4.16 -31.29
CA ARG C 107 -15.12 4.17 -31.73
C ARG C 107 -14.64 5.50 -32.31
N SER C 108 -15.52 6.21 -33.00
CA SER C 108 -15.16 7.49 -33.61
C SER C 108 -14.75 8.56 -32.59
N ASP C 109 -15.20 8.43 -31.35
CA ASP C 109 -14.85 9.39 -30.30
C ASP C 109 -13.56 9.02 -29.59
N LEU C 110 -12.98 7.88 -29.95
CA LEU C 110 -11.75 7.40 -29.30
C LEU C 110 -10.52 7.55 -30.21
N ASP C 111 -9.38 7.88 -29.61
CA ASP C 111 -8.11 7.66 -30.30
C ASP C 111 -7.88 6.16 -30.36
N LEU C 112 -8.21 5.55 -31.49
CA LEU C 112 -8.19 4.08 -31.60
C LEU C 112 -6.78 3.49 -31.56
N VAL C 113 -5.77 4.35 -31.55
CA VAL C 113 -4.42 3.90 -31.24
C VAL C 113 -4.19 4.11 -29.75
N PRO C 114 -4.14 3.01 -28.98
CA PRO C 114 -4.05 3.07 -27.52
C PRO C 114 -2.80 3.81 -27.06
N PHE C 115 -2.91 4.62 -26.02
CA PHE C 115 -1.77 5.38 -25.53
C PHE C 115 -0.85 4.48 -24.72
N TYR C 116 -1.33 3.26 -24.43
CA TYR C 116 -0.48 2.22 -23.88
C TYR C 116 -0.99 0.85 -24.31
N VAL C 117 -0.07 0.00 -24.74
CA VAL C 117 -0.40 -1.38 -25.05
C VAL C 117 0.78 -2.31 -24.72
N LYS C 118 0.48 -3.38 -24.00
CA LYS C 118 1.49 -4.39 -23.70
C LYS C 118 1.01 -5.77 -24.12
N ASN C 119 1.87 -6.50 -24.84
CA ASN C 119 1.55 -7.87 -25.21
C ASN C 119 2.24 -8.82 -24.25
N ASP C 120 1.49 -9.82 -23.77
CA ASP C 120 2.02 -10.77 -22.80
C ASP C 120 2.28 -12.14 -23.42
N GLY C 121 1.98 -12.26 -24.71
CA GLY C 121 2.27 -13.48 -25.45
C GLY C 121 1.58 -14.74 -24.97
N GLY C 122 0.45 -14.59 -24.30
CA GLY C 122 -0.30 -15.75 -23.83
C GLY C 122 -0.03 -16.12 -22.39
N ALA C 123 0.88 -15.39 -21.76
CA ALA C 123 1.25 -15.66 -20.37
C ALA C 123 0.08 -15.46 -19.41
N ARG C 124 0.12 -16.17 -18.29
CA ARG C 124 -0.90 -16.07 -17.26
C ARG C 124 -0.40 -15.14 -16.16
N PRO C 125 -1.22 -14.14 -15.78
CA PRO C 125 -0.81 -13.13 -14.82
C PRO C 125 -1.21 -13.48 -13.39
N GLY C 126 -0.72 -12.69 -12.44
CA GLY C 126 -1.12 -12.82 -11.05
C GLY C 126 -2.49 -12.21 -10.83
N THR C 127 -2.92 -12.13 -9.58
CA THR C 127 -4.20 -11.54 -9.23
C THR C 127 -4.09 -10.03 -9.26
N THR C 128 -2.85 -9.53 -9.19
CA THR C 128 -2.59 -8.11 -9.36
C THR C 128 -1.78 -7.83 -10.62
N VAL C 129 -2.33 -7.00 -11.51
CA VAL C 129 -1.60 -6.55 -12.69
C VAL C 129 -1.46 -5.03 -12.64
N THR C 130 -0.25 -4.54 -12.90
CA THR C 130 0.02 -3.12 -12.81
C THR C 130 0.70 -2.60 -14.08
N HIS C 131 0.25 -1.45 -14.57
CA HIS C 131 0.83 -0.86 -15.77
C HIS C 131 1.15 0.61 -15.55
N GLU C 132 2.30 1.02 -16.06
CA GLU C 132 2.67 2.42 -16.04
C GLU C 132 2.46 3.01 -17.43
N ALA C 133 1.45 3.86 -17.55
CA ALA C 133 1.06 4.42 -18.85
C ALA C 133 1.18 5.93 -18.89
N ASN C 134 1.32 6.46 -20.10
CA ASN C 134 1.40 7.91 -20.28
C ASN C 134 0.09 8.48 -20.79
N VAL C 135 -0.67 9.08 -19.88
CA VAL C 135 -1.90 9.76 -20.25
C VAL C 135 -1.52 11.01 -21.02
N PRO C 136 -2.16 11.22 -22.19
CA PRO C 136 -1.91 12.41 -23.02
C PRO C 136 -1.99 13.71 -22.23
N THR C 137 -1.13 14.66 -22.58
CA THR C 137 -1.06 15.93 -21.86
C THR C 137 -1.67 17.06 -22.67
N ASP C 138 -2.39 16.70 -23.72
CA ASP C 138 -2.99 17.69 -24.61
C ASP C 138 -4.51 17.69 -24.49
N ARG C 139 -5.03 17.02 -23.48
CA ARG C 139 -6.48 16.98 -23.23
C ARG C 139 -6.80 17.44 -21.82
N SER C 140 -8.04 17.86 -21.61
CA SER C 140 -8.45 18.38 -20.32
C SER C 140 -9.93 18.15 -20.05
N GLY C 141 -10.29 18.07 -18.77
CA GLY C 141 -11.68 17.92 -18.38
C GLY C 141 -12.19 16.50 -18.43
N TYR C 142 -13.50 16.36 -18.63
CA TYR C 142 -14.14 15.05 -18.65
C TYR C 142 -13.70 14.26 -19.87
N HIS C 143 -13.03 13.14 -19.62
CA HIS C 143 -12.67 12.20 -20.68
C HIS C 143 -12.92 10.77 -20.22
N LEU C 144 -12.92 9.85 -21.18
CA LEU C 144 -13.00 8.44 -20.84
C LEU C 144 -11.70 7.73 -21.19
N ILE C 145 -11.21 6.91 -20.27
CA ILE C 145 -10.15 5.97 -20.58
C ILE C 145 -10.77 4.58 -20.66
N LEU C 146 -10.49 3.87 -21.75
CA LEU C 146 -11.02 2.53 -21.92
C LEU C 146 -9.92 1.50 -21.79
N ALA C 147 -9.96 0.75 -20.71
CA ALA C 147 -9.01 -0.34 -20.50
C ALA C 147 -9.59 -1.64 -21.02
N VAL C 148 -8.83 -2.33 -21.87
CA VAL C 148 -9.28 -3.57 -22.46
C VAL C 148 -8.29 -4.70 -22.14
N TRP C 149 -8.83 -5.83 -21.73
CA TRP C 149 -8.02 -7.00 -21.41
C TRP C 149 -8.34 -8.13 -22.39
N GLU C 150 -7.43 -8.38 -23.32
CA GLU C 150 -7.66 -9.38 -24.35
C GLU C 150 -7.25 -10.77 -23.88
N ILE C 151 -8.21 -11.68 -23.84
CA ILE C 151 -7.99 -13.04 -23.39
C ILE C 151 -7.49 -13.93 -24.53
N ALA C 152 -6.41 -14.66 -24.28
CA ALA C 152 -5.81 -15.51 -25.29
C ALA C 152 -6.68 -16.72 -25.67
N ASP C 153 -7.26 -17.37 -24.66
CA ASP C 153 -7.96 -18.63 -24.89
C ASP C 153 -9.29 -18.42 -25.62
N THR C 154 -10.10 -17.53 -25.05
CA THR C 154 -11.38 -17.13 -25.60
C THR C 154 -11.23 -15.96 -26.56
N GLY C 155 -12.03 -15.92 -27.61
CA GLY C 155 -12.00 -14.79 -28.51
C GLY C 155 -12.65 -13.56 -27.85
N ASN C 156 -12.55 -13.50 -26.53
CA ASN C 156 -13.22 -12.49 -25.72
C ASN C 156 -12.25 -11.52 -25.05
N ALA C 157 -12.79 -10.40 -24.59
CA ALA C 157 -12.01 -9.39 -23.89
C ALA C 157 -12.85 -8.74 -22.79
N PHE C 158 -12.18 -8.19 -21.78
CA PHE C 158 -12.87 -7.48 -20.71
C PHE C 158 -12.69 -5.98 -20.86
N TYR C 159 -13.80 -5.25 -20.80
CA TYR C 159 -13.80 -3.83 -21.08
C TYR C 159 -14.07 -3.00 -19.83
N GLN C 160 -13.14 -2.11 -19.52
CA GLN C 160 -13.24 -1.31 -18.31
C GLN C 160 -13.16 0.18 -18.59
N VAL C 161 -14.32 0.83 -18.64
CA VAL C 161 -14.39 2.28 -18.82
C VAL C 161 -14.09 3.01 -17.52
N ILE C 162 -13.26 4.05 -17.60
CA ILE C 162 -12.96 4.89 -16.46
C ILE C 162 -13.36 6.34 -16.73
N ASP C 163 -14.22 6.88 -15.88
CA ASP C 163 -14.62 8.27 -16.00
C ASP C 163 -13.59 9.15 -15.33
N VAL C 164 -12.84 9.92 -16.11
CA VAL C 164 -11.77 10.72 -15.54
C VAL C 164 -11.98 12.21 -15.74
N ASN C 165 -11.56 12.98 -14.74
CA ASN C 165 -11.46 14.42 -14.86
C ASN C 165 -9.99 14.79 -15.04
N LEU C 166 -9.60 15.10 -16.27
CA LEU C 166 -8.20 15.24 -16.61
C LEU C 166 -7.78 16.66 -16.29
N LEU C 167 -6.58 16.83 -15.72
CA LEU C 167 -6.14 18.15 -15.27
C LEU C 167 -5.22 18.88 -16.24
N ASN C 168 -3.99 18.39 -16.40
CA ASN C 168 -2.99 19.05 -17.25
C ASN C 168 -2.90 20.56 -17.06
N HIS D 1 5.11 -9.82 15.33
CA HIS D 1 6.12 -10.54 14.54
C HIS D 1 5.38 -11.59 13.72
N GLY D 2 5.75 -12.87 13.84
CA GLY D 2 5.00 -13.90 13.15
C GLY D 2 5.50 -15.34 13.24
N TYR D 3 4.61 -16.28 12.95
CA TYR D 3 4.95 -17.71 12.96
C TYR D 3 4.12 -18.49 11.95
N VAL D 4 4.58 -19.70 11.62
CA VAL D 4 3.82 -20.58 10.73
C VAL D 4 2.77 -21.39 11.49
N GLU D 5 1.50 -21.01 11.29
CA GLU D 5 0.39 -21.66 11.97
C GLU D 5 0.15 -23.08 11.46
N SER D 6 0.30 -23.29 10.15
CA SER D 6 -0.01 -24.57 9.54
C SER D 6 0.86 -24.83 8.30
N PRO D 7 1.64 -25.93 8.31
CA PRO D 7 1.79 -26.90 9.40
C PRO D 7 2.46 -26.30 10.63
N ALA D 8 2.03 -26.72 11.82
CA ALA D 8 2.45 -26.08 13.05
C ALA D 8 3.96 -26.10 13.23
N SER D 9 4.55 -24.91 13.28
CA SER D 9 5.98 -24.76 13.42
C SER D 9 6.45 -25.18 14.81
N ARG D 10 7.75 -25.41 14.94
CA ARG D 10 8.34 -25.85 16.19
C ARG D 10 8.05 -24.89 17.35
N SER D 11 8.18 -23.59 17.09
CA SER D 11 7.95 -22.59 18.12
C SER D 11 6.47 -22.50 18.46
N TYR D 12 5.63 -22.71 17.45
CA TYR D 12 4.18 -22.71 17.65
C TYR D 12 3.77 -23.88 18.53
N LEU D 13 4.35 -25.05 18.26
CA LEU D 13 4.06 -26.25 19.05
C LEU D 13 4.62 -26.12 20.46
N CYS D 14 5.69 -25.35 20.62
CA CYS D 14 6.21 -25.03 21.94
C CYS D 14 5.17 -24.26 22.74
N LYS D 15 4.55 -23.27 22.11
CA LYS D 15 3.55 -22.45 22.77
C LYS D 15 2.33 -23.27 23.16
N GLN D 16 1.97 -24.22 22.30
CA GLN D 16 0.81 -25.07 22.55
C GLN D 16 1.11 -26.17 23.57
N GLY D 17 2.35 -26.19 24.06
CA GLY D 17 2.75 -27.15 25.06
C GLY D 17 2.94 -28.56 24.52
N VAL D 18 2.99 -28.68 23.21
CA VAL D 18 3.21 -29.99 22.59
C VAL D 18 4.69 -30.30 22.64
N ASN D 19 5.51 -29.32 22.28
CA ASN D 19 6.94 -29.39 22.56
C ASN D 19 7.19 -28.88 23.97
N VAL D 20 8.28 -29.34 24.59
CA VAL D 20 8.59 -28.93 25.95
C VAL D 20 10.03 -28.43 26.07
N ASN D 21 10.27 -27.63 27.11
CA ASN D 21 11.60 -27.11 27.42
C ASN D 21 12.15 -26.27 26.27
N CYS D 22 11.32 -25.36 25.74
CA CYS D 22 11.70 -24.56 24.59
C CYS D 22 12.31 -23.22 25.00
N GLY D 23 12.42 -22.98 26.30
CA GLY D 23 12.89 -21.70 26.79
C GLY D 23 11.83 -20.63 26.65
N PRO D 24 12.24 -19.36 26.66
CA PRO D 24 11.35 -18.19 26.64
C PRO D 24 10.48 -18.12 25.38
N ILE D 25 11.00 -18.56 24.24
CA ILE D 25 10.28 -18.46 22.96
C ILE D 25 8.90 -19.14 22.98
N GLN D 26 8.69 -20.02 23.95
CA GLN D 26 7.41 -20.70 24.09
C GLN D 26 6.26 -19.71 24.33
N TYR D 27 6.58 -18.52 24.82
CA TYR D 27 5.53 -17.56 25.11
C TYR D 27 5.42 -16.51 24.00
N GLU D 28 6.27 -16.64 23.00
CA GLU D 28 6.25 -15.77 21.82
C GLU D 28 6.71 -16.52 20.58
N PRO D 29 5.91 -17.48 20.10
CA PRO D 29 6.30 -18.26 18.92
C PRO D 29 6.52 -17.37 17.70
N GLN D 30 5.88 -16.21 17.71
CA GLN D 30 6.01 -15.26 16.62
C GLN D 30 7.38 -14.59 16.55
N SER D 31 8.19 -14.75 17.59
CA SER D 31 9.36 -13.88 17.75
C SER D 31 10.73 -14.51 17.48
N VAL D 32 10.79 -15.48 16.57
CA VAL D 32 12.08 -16.05 16.20
C VAL D 32 12.73 -15.17 15.14
N GLU D 33 13.27 -14.03 15.57
CA GLU D 33 13.82 -13.04 14.64
C GLU D 33 15.34 -13.02 14.62
N GLY D 34 15.90 -13.02 13.42
CA GLY D 34 17.34 -12.92 13.25
C GLY D 34 17.73 -12.16 12.00
N ILE D 35 19.04 -12.09 11.75
CA ILE D 35 19.56 -11.48 10.53
C ILE D 35 18.96 -12.13 9.27
N GLY D 36 18.65 -11.31 8.28
CA GLY D 36 18.09 -11.81 7.03
C GLY D 36 19.16 -12.08 6.00
N GLY D 37 18.74 -12.21 4.74
CA GLY D 37 19.65 -12.49 3.65
C GLY D 37 20.12 -13.93 3.63
N PHE D 38 19.26 -14.83 4.09
CA PHE D 38 19.56 -16.26 4.12
C PHE D 38 19.52 -16.80 2.69
N PRO D 39 20.43 -17.73 2.35
CA PRO D 39 21.44 -18.37 3.20
C PRO D 39 22.84 -17.75 3.22
N GLN D 40 23.12 -16.75 2.40
CA GLN D 40 24.46 -16.14 2.41
C GLN D 40 24.77 -15.44 3.71
N LEU D 41 23.81 -14.64 4.18
CA LEU D 41 23.93 -14.06 5.50
C LEU D 41 22.95 -14.76 6.42
N GLY D 42 22.66 -14.16 7.57
CA GLY D 42 21.71 -14.76 8.48
C GLY D 42 22.43 -15.45 9.63
N PRO D 43 21.70 -16.20 10.45
CA PRO D 43 22.25 -16.94 11.58
C PRO D 43 23.30 -17.97 11.16
N SER D 44 24.31 -18.16 12.01
CA SER D 44 25.39 -19.11 11.74
C SER D 44 24.86 -20.55 11.74
N ASP D 45 25.63 -21.45 11.14
CA ASP D 45 25.32 -22.88 11.19
C ASP D 45 25.17 -23.32 12.64
N GLY D 46 24.16 -24.15 12.90
CA GLY D 46 23.88 -24.62 14.24
C GLY D 46 23.09 -23.60 15.05
N GLN D 47 22.73 -22.49 14.41
CA GLN D 47 21.99 -21.43 15.07
C GLN D 47 20.84 -20.96 14.19
N ILE D 48 20.47 -21.79 13.23
CA ILE D 48 19.44 -21.45 12.26
C ILE D 48 18.03 -21.51 12.85
N ALA D 49 17.76 -22.55 13.63
CA ALA D 49 16.43 -22.76 14.19
C ALA D 49 16.04 -21.67 15.18
N GLY D 50 17.03 -21.14 15.90
CA GLY D 50 16.79 -20.07 16.85
C GLY D 50 17.12 -18.70 16.30
N ALA D 51 17.70 -18.66 15.11
CA ALA D 51 18.05 -17.41 14.43
C ALA D 51 19.09 -16.58 15.16
N GLY D 52 20.01 -17.23 15.86
CA GLY D 52 21.10 -16.55 16.54
C GLY D 52 20.75 -16.22 17.97
N HIS D 53 19.46 -16.20 18.25
CA HIS D 53 18.96 -16.06 19.61
C HIS D 53 18.22 -17.34 19.94
N PHE D 54 17.65 -17.45 21.14
CA PHE D 54 16.89 -18.64 21.54
C PHE D 54 17.59 -19.97 21.21
N PRO D 55 18.77 -20.23 21.81
CA PRO D 55 19.54 -21.45 21.54
C PRO D 55 18.79 -22.77 21.81
N ALA D 56 17.72 -22.73 22.59
CA ALA D 56 17.00 -23.96 22.95
C ALA D 56 16.42 -24.63 21.70
N LEU D 57 16.03 -23.81 20.73
CA LEU D 57 15.51 -24.31 19.46
C LEU D 57 16.59 -24.99 18.63
N ASP D 58 17.85 -24.73 18.96
CA ASP D 58 18.96 -25.20 18.15
C ASP D 58 19.37 -26.64 18.49
N VAL D 59 18.82 -27.17 19.58
CA VAL D 59 19.06 -28.57 19.95
C VAL D 59 18.43 -29.51 18.94
N GLN D 60 19.17 -30.52 18.49
CA GLN D 60 18.69 -31.41 17.45
C GLN D 60 19.04 -32.88 17.69
N THR D 61 18.01 -33.68 17.96
CA THR D 61 18.13 -35.13 17.97
C THR D 61 16.90 -35.70 17.28
N VAL D 62 16.84 -37.02 17.12
CA VAL D 62 15.73 -37.65 16.43
C VAL D 62 14.40 -37.57 17.17
N ASP D 63 14.46 -37.58 18.51
CA ASP D 63 13.25 -37.62 19.32
C ASP D 63 12.99 -36.33 20.09
N ARG D 64 13.86 -35.35 19.91
CA ARG D 64 13.76 -34.08 20.66
C ARG D 64 12.45 -33.34 20.44
N TRP D 65 11.97 -33.31 19.20
CA TRP D 65 10.80 -32.51 18.86
C TRP D 65 9.66 -33.37 18.35
N LYS D 66 8.43 -32.89 18.54
CA LYS D 66 7.24 -33.58 18.03
C LYS D 66 6.99 -33.22 16.57
N LYS D 67 6.65 -34.22 15.77
CA LYS D 67 6.55 -34.04 14.32
C LYS D 67 5.11 -33.87 13.82
N VAL D 68 4.96 -33.03 12.80
CA VAL D 68 3.71 -32.90 12.07
C VAL D 68 3.75 -33.82 10.85
N THR D 69 2.69 -34.58 10.62
CA THR D 69 2.68 -35.56 9.53
C THR D 69 2.17 -34.96 8.23
N LEU D 70 2.95 -35.12 7.16
CA LEU D 70 2.61 -34.53 5.87
C LEU D 70 2.82 -35.49 4.70
N ASN D 71 1.99 -35.32 3.66
CA ASN D 71 2.22 -35.97 2.38
C ASN D 71 3.13 -35.10 1.53
N GLY D 72 3.93 -35.72 0.68
CA GLY D 72 4.70 -34.98 -0.31
C GLY D 72 3.78 -34.37 -1.33
N GLY D 73 4.30 -33.43 -2.12
CA GLY D 73 3.49 -32.78 -3.13
C GLY D 73 2.93 -31.46 -2.63
N THR D 74 1.82 -31.04 -3.22
CA THR D 74 1.22 -29.75 -2.90
C THR D 74 0.72 -29.70 -1.46
N ASN D 75 1.15 -28.65 -0.75
CA ASN D 75 0.74 -28.43 0.63
C ASN D 75 0.42 -26.96 0.87
N THR D 76 -0.52 -26.70 1.77
CA THR D 76 -0.87 -25.33 2.12
C THR D 76 -0.06 -24.88 3.33
N PHE D 77 0.64 -23.75 3.19
CA PHE D 77 1.43 -23.21 4.28
C PHE D 77 0.83 -21.89 4.75
N LYS D 78 0.39 -21.87 6.00
CA LYS D 78 -0.32 -20.73 6.55
C LYS D 78 0.46 -20.04 7.65
N TRP D 79 0.84 -18.78 7.41
CA TRP D 79 1.44 -17.96 8.46
C TRP D 79 0.35 -17.26 9.26
N LYS D 80 0.67 -16.92 10.50
CA LYS D 80 -0.15 -15.96 11.24
C LYS D 80 0.79 -14.85 11.69
N LEU D 81 0.48 -13.61 11.30
CA LEU D 81 1.39 -12.50 11.56
C LEU D 81 0.91 -11.57 12.66
N THR D 82 1.71 -11.49 13.71
CA THR D 82 1.45 -10.62 14.85
C THR D 82 1.95 -9.20 14.57
N ALA D 83 2.62 -9.00 13.43
CA ALA D 83 3.10 -7.67 13.05
C ALA D 83 2.81 -7.28 11.60
N PRO D 84 2.83 -5.96 11.30
CA PRO D 84 2.60 -5.51 9.93
C PRO D 84 3.78 -5.82 8.99
N HIS D 85 4.77 -4.94 9.02
CA HIS D 85 6.03 -5.03 8.25
C HIS D 85 5.97 -5.43 6.77
N SER D 86 6.47 -4.52 5.95
CA SER D 86 6.69 -4.72 4.52
C SER D 86 7.51 -5.98 4.23
N THR D 87 7.08 -6.78 3.26
CA THR D 87 7.68 -8.09 3.04
C THR D 87 8.51 -8.14 1.76
N LYS D 88 9.77 -8.52 1.90
CA LYS D 88 10.66 -8.76 0.76
C LYS D 88 10.22 -10.02 0.02
N GLU D 89 10.29 -11.16 0.71
CA GLU D 89 9.97 -12.43 0.09
C GLU D 89 9.61 -13.50 1.12
N TRP D 90 8.96 -14.57 0.66
CA TRP D 90 8.72 -15.75 1.48
C TRP D 90 9.46 -16.93 0.87
N LYS D 91 10.19 -17.67 1.70
CA LYS D 91 10.97 -18.81 1.22
C LYS D 91 10.74 -20.07 2.04
N TYR D 92 10.79 -21.22 1.38
CA TYR D 92 10.63 -22.50 2.06
C TYR D 92 11.71 -23.49 1.66
N TYR D 93 12.49 -23.93 2.65
CA TYR D 93 13.58 -24.89 2.40
C TYR D 93 13.24 -26.24 3.00
N ILE D 94 13.91 -27.29 2.53
CA ILE D 94 13.76 -28.61 3.13
C ILE D 94 15.12 -29.29 3.27
N THR D 95 15.26 -30.12 4.30
CA THR D 95 16.49 -30.89 4.52
C THR D 95 16.80 -31.86 3.38
N LYS D 96 18.09 -32.12 3.18
CA LYS D 96 18.56 -33.07 2.18
C LYS D 96 18.11 -34.49 2.51
N LYS D 97 18.18 -35.37 1.50
CA LYS D 97 17.75 -36.75 1.66
C LYS D 97 18.52 -37.45 2.77
N GLY D 98 19.81 -37.15 2.86
CA GLY D 98 20.67 -37.77 3.85
C GLY D 98 21.14 -36.84 4.95
N TRP D 99 20.26 -35.95 5.40
CA TRP D 99 20.63 -34.96 6.40
C TRP D 99 20.83 -35.62 7.77
N ASN D 100 21.54 -34.93 8.65
CA ASN D 100 21.90 -35.47 9.96
C ASN D 100 20.97 -34.98 11.07
N PRO D 101 19.99 -35.80 11.46
CA PRO D 101 18.97 -35.39 12.44
C PRO D 101 19.46 -35.41 13.89
N ASN D 102 20.66 -35.92 14.13
CA ASN D 102 21.20 -35.98 15.48
C ASN D 102 22.30 -34.93 15.67
N LYS D 103 22.27 -33.92 14.81
CA LYS D 103 23.28 -32.88 14.78
C LYS D 103 22.60 -31.55 14.51
N PRO D 104 23.11 -30.46 15.10
CA PRO D 104 22.48 -29.16 14.89
C PRO D 104 22.44 -28.78 13.41
N LEU D 105 21.39 -28.06 13.01
CA LEU D 105 21.13 -27.80 11.60
C LEU D 105 22.16 -26.90 10.96
N THR D 106 22.70 -27.35 9.83
CA THR D 106 23.68 -26.60 9.07
C THR D 106 23.23 -26.48 7.62
N ARG D 107 23.72 -25.46 6.93
CA ARG D 107 23.42 -25.27 5.51
C ARG D 107 23.71 -26.51 4.67
N SER D 108 24.74 -27.26 5.06
CA SER D 108 25.11 -28.48 4.36
C SER D 108 24.00 -29.54 4.41
N ASP D 109 23.14 -29.44 5.41
CA ASP D 109 22.02 -30.38 5.54
C ASP D 109 20.77 -29.90 4.81
N LEU D 110 20.83 -28.69 4.24
CA LEU D 110 19.68 -28.12 3.56
C LEU D 110 19.80 -28.05 2.04
N ASP D 111 18.67 -28.29 1.37
CA ASP D 111 18.52 -27.88 -0.01
C ASP D 111 18.45 -26.36 -0.03
N LEU D 112 19.59 -25.72 -0.27
CA LEU D 112 19.68 -24.26 -0.15
C LEU D 112 18.95 -23.55 -1.29
N VAL D 113 18.49 -24.32 -2.27
CA VAL D 113 17.54 -23.81 -3.24
C VAL D 113 16.13 -24.15 -2.77
N PRO D 114 15.38 -23.12 -2.33
CA PRO D 114 14.05 -23.32 -1.75
C PRO D 114 13.08 -23.98 -2.72
N PHE D 115 12.25 -24.90 -2.23
CA PHE D 115 11.31 -25.60 -3.09
C PHE D 115 10.10 -24.72 -3.40
N TYR D 116 10.01 -23.60 -2.68
CA TYR D 116 9.05 -22.55 -3.02
C TYR D 116 9.58 -21.19 -2.59
N VAL D 117 9.42 -20.20 -3.47
CA VAL D 117 9.76 -18.83 -3.12
C VAL D 117 8.77 -17.86 -3.77
N LYS D 118 8.23 -16.94 -2.98
CA LYS D 118 7.36 -15.91 -3.50
C LYS D 118 7.87 -14.54 -3.11
N ASN D 119 7.98 -13.65 -4.10
CA ASN D 119 8.42 -12.28 -3.88
C ASN D 119 7.23 -11.35 -3.76
N ASP D 120 7.25 -10.48 -2.75
CA ASP D 120 6.15 -9.54 -2.58
C ASP D 120 6.60 -8.13 -2.97
N GLY D 121 7.86 -7.99 -3.34
CA GLY D 121 8.37 -6.72 -3.85
C GLY D 121 8.27 -5.55 -2.90
N GLY D 122 8.25 -5.84 -1.60
CA GLY D 122 8.14 -4.78 -0.62
C GLY D 122 6.71 -4.58 -0.15
N ALA D 123 5.78 -5.33 -0.74
CA ALA D 123 4.37 -5.22 -0.39
C ALA D 123 4.12 -5.62 1.06
N ARG D 124 3.06 -5.08 1.65
CA ARG D 124 2.70 -5.42 3.03
C ARG D 124 1.61 -6.47 3.02
N PRO D 125 1.78 -7.54 3.80
CA PRO D 125 0.82 -8.66 3.78
C PRO D 125 -0.25 -8.53 4.86
N GLY D 126 -1.24 -9.41 4.81
CA GLY D 126 -2.25 -9.48 5.85
C GLY D 126 -1.73 -10.19 7.08
N THR D 127 -2.59 -10.39 8.07
CA THR D 127 -2.20 -11.10 9.28
C THR D 127 -2.24 -12.60 9.03
N THR D 128 -2.97 -13.01 8.00
CA THR D 128 -2.93 -14.39 7.54
C THR D 128 -2.32 -14.42 6.15
N VAL D 129 -1.23 -15.17 6.03
CA VAL D 129 -0.59 -15.36 4.73
C VAL D 129 -0.63 -16.84 4.38
N THR D 130 -1.01 -17.14 3.14
CA THR D 130 -1.17 -18.53 2.73
C THR D 130 -0.39 -18.78 1.43
N HIS D 131 0.33 -19.90 1.40
CA HIS D 131 1.12 -20.26 0.24
C HIS D 131 0.90 -21.72 -0.17
N GLU D 132 0.83 -21.96 -1.46
CA GLU D 132 0.77 -23.33 -1.97
C GLU D 132 2.13 -23.75 -2.51
N ALA D 133 2.76 -24.68 -1.81
CA ALA D 133 4.11 -25.12 -2.17
C ALA D 133 4.12 -26.59 -2.51
N ASN D 134 5.10 -27.00 -3.31
CA ASN D 134 5.26 -28.40 -3.67
C ASN D 134 6.41 -29.04 -2.92
N VAL D 135 6.09 -29.81 -1.88
CA VAL D 135 7.08 -30.54 -1.12
C VAL D 135 7.63 -31.67 -1.98
N PRO D 136 8.98 -31.80 -2.03
CA PRO D 136 9.63 -32.88 -2.78
C PRO D 136 9.05 -34.24 -2.43
N THR D 137 8.95 -35.12 -3.42
CA THR D 137 8.34 -36.43 -3.23
C THR D 137 9.38 -37.54 -3.17
N ASP D 138 10.63 -37.15 -3.01
CA ASP D 138 11.74 -38.10 -3.02
C ASP D 138 12.39 -38.23 -1.64
N ARG D 139 11.72 -37.70 -0.62
CA ARG D 139 12.20 -37.80 0.75
C ARG D 139 11.13 -38.45 1.62
N SER D 140 11.57 -39.04 2.73
CA SER D 140 10.65 -39.75 3.61
C SER D 140 11.12 -39.71 5.06
N GLY D 141 10.18 -39.82 5.99
CA GLY D 141 10.52 -39.85 7.39
C GLY D 141 10.74 -38.47 7.96
N TYR D 142 11.57 -38.39 9.00
CA TYR D 142 11.83 -37.14 9.69
C TYR D 142 12.63 -36.17 8.82
N HIS D 143 12.02 -35.03 8.51
CA HIS D 143 12.69 -33.96 7.81
C HIS D 143 12.35 -32.62 8.45
N LEU D 144 13.13 -31.59 8.13
CA LEU D 144 12.82 -30.23 8.56
C LEU D 144 12.45 -29.36 7.37
N ILE D 145 11.35 -28.61 7.52
CA ILE D 145 11.06 -27.53 6.60
C ILE D 145 11.37 -26.21 7.29
N LEU D 146 12.13 -25.36 6.61
CA LEU D 146 12.47 -24.07 7.17
C LEU D 146 11.75 -22.97 6.42
N ALA D 147 10.78 -22.36 7.08
CA ALA D 147 10.06 -21.24 6.51
C ALA D 147 10.73 -19.96 6.94
N VAL D 148 11.06 -19.11 5.97
CA VAL D 148 11.77 -17.87 6.27
C VAL D 148 10.96 -16.67 5.77
N TRP D 149 10.86 -15.66 6.62
CA TRP D 149 10.12 -14.45 6.27
C TRP D 149 11.08 -13.27 6.25
N GLU D 150 11.41 -12.80 5.05
CA GLU D 150 12.37 -11.71 4.90
C GLU D 150 11.67 -10.37 5.00
N ILE D 151 12.06 -9.57 5.98
CA ILE D 151 11.43 -8.28 6.21
C ILE D 151 12.06 -7.21 5.33
N ALA D 152 11.22 -6.48 4.61
CA ALA D 152 11.67 -5.44 3.71
C ALA D 152 12.25 -4.26 4.49
N ASP D 153 11.59 -3.91 5.60
CA ASP D 153 11.91 -2.69 6.31
C ASP D 153 13.26 -2.77 7.01
N THR D 154 13.39 -3.76 7.89
CA THR D 154 14.62 -4.07 8.60
C THR D 154 15.45 -5.08 7.83
N GLY D 155 16.76 -5.09 8.06
CA GLY D 155 17.61 -6.11 7.46
C GLY D 155 17.44 -7.47 8.12
N ASN D 156 16.26 -7.72 8.68
CA ASN D 156 16.02 -8.91 9.49
C ASN D 156 15.04 -9.89 8.85
N ALA D 157 15.04 -11.12 9.38
CA ALA D 157 14.13 -12.15 8.91
C ALA D 157 13.67 -13.03 10.06
N PHE D 158 12.50 -13.65 9.89
CA PHE D 158 11.97 -14.56 10.90
C PHE D 158 12.09 -16.00 10.42
N TYR D 159 12.63 -16.87 11.28
CA TYR D 159 12.91 -18.23 10.89
C TYR D 159 12.00 -19.21 11.60
N GLN D 160 11.27 -20.01 10.83
CA GLN D 160 10.29 -20.93 11.39
C GLN D 160 10.54 -22.37 10.94
N VAL D 161 11.19 -23.13 11.80
CA VAL D 161 11.44 -24.55 11.57
C VAL D 161 10.20 -25.38 11.86
N ILE D 162 9.89 -26.32 10.96
CA ILE D 162 8.79 -27.24 11.18
C ILE D 162 9.31 -28.67 11.19
N ASP D 163 9.05 -29.39 12.28
CA ASP D 163 9.45 -30.79 12.39
C ASP D 163 8.38 -31.64 11.74
N VAL D 164 8.72 -32.27 10.62
CA VAL D 164 7.73 -33.03 9.87
C VAL D 164 8.05 -34.52 9.75
N ASN D 165 6.99 -35.32 9.76
CA ASN D 165 7.09 -36.74 9.42
C ASN D 165 6.56 -36.92 8.00
N LEU D 166 7.48 -37.05 7.05
CA LEU D 166 7.12 -36.98 5.64
C LEU D 166 6.75 -38.34 5.05
N LEU D 167 5.75 -38.37 4.19
CA LEU D 167 5.26 -39.60 3.59
C LEU D 167 5.24 -39.52 2.07
N ASN D 168 6.02 -40.38 1.43
CA ASN D 168 6.07 -40.46 -0.03
C ASN D 168 6.14 -41.91 -0.52
CU CU E . 16.32 -0.68 3.15
CU CU F . -1.21 2.54 12.95
CU CU G . -12.57 -14.57 -16.27
CU CU H . 7.22 -8.26 13.48
#